data_4XD9
#
_entry.id   4XD9
#
_cell.length_a   54.163
_cell.length_b   123.594
_cell.length_c   133.817
_cell.angle_alpha   90.00
_cell.angle_beta   90.00
_cell.angle_gamma   90.00
#
_symmetry.space_group_name_H-M   'P 21 21 21'
#
loop_
_entity.id
_entity.type
_entity.pdbx_description
1 polymer 'Ribosome biogenesis protein, putative (AFU_orthologue AFUA_8G04790)'
2 polymer 'Ribosome biogenesis protein (Rrs1), putative (AFU_orthologue AFUA_7G04430)'
3 water water
#
loop_
_entity_poly.entity_id
_entity_poly.type
_entity_poly.pdbx_seq_one_letter_code
_entity_poly.pdbx_strand_id
1 'polypeptide(L)'
;MNHKHHHHHHSSGENLYFQGHMLREVKPKNPRTARILKAKEPQLIEGAKRVLLLHGSKCPTPLHTVLKVFHSLTTPHSVL
FHKKNENIHPFESTESLEFLANKNDCGMVIFGSSNKKRPNCLTIARIFDSKVLDMAELLLLPDANGEGIPEMNRLSMHVA
IGLRPLMLFSGSAWDDTTSTTHTMLKSMLVDLFKGETSDKIDVEGLQYALMVGAEEPTAGLAPIIHLRWYKIVTKRSGHK
LPRVELEEIGPKLDFKVGRIQEAPRDVMKEAMKQGKKPNEEIKNKKNIGIDLIGDKVGRVHLAKQDLGGLQTRKMKGLKR
RAG
;
A,C
2 'polypeptide(L)'
;MNHMANSETEAKSTIKPKPERLPITVSKPTPYTFDLGHLLANDPNPLELPKSEPLNASLKATARDGVQSLLNQLLTTCPI
TSSQQGVLLTLPAPSTILPRHKPLPTPKPPTKWELFARKKGIGKYSNKPGAALADKERRKKLVYDEESGEWVPRWGYKGK
NKDDDQWLVEVKEKDWKKEEEAAAKGSSIRGMSRAERKERIRRNERKMRANERNSRKSGGK
;
B,D
#
# COMPACT_ATOMS: atom_id res chain seq x y z
N LYS A 40 3.79 35.81 20.14
CA LYS A 40 4.98 36.67 20.01
C LYS A 40 6.12 36.02 20.79
N GLU A 41 5.72 35.35 21.86
CA GLU A 41 6.61 34.56 22.67
C GLU A 41 6.20 33.10 22.51
N PRO A 42 7.16 32.17 22.63
CA PRO A 42 6.87 30.75 22.41
C PRO A 42 5.71 30.21 23.26
N GLN A 43 4.84 29.46 22.59
CA GLN A 43 3.70 28.83 23.23
C GLN A 43 3.83 27.32 23.14
N LEU A 44 3.31 26.60 24.14
CA LEU A 44 3.38 25.15 24.15
C LEU A 44 2.56 24.55 23.01
N ILE A 45 1.38 25.10 22.78
CA ILE A 45 0.55 24.70 21.65
C ILE A 45 0.33 25.90 20.73
N GLU A 46 1.01 25.90 19.58
CA GLU A 46 0.88 26.99 18.63
C GLU A 46 -0.46 26.90 17.92
N GLY A 47 -1.01 28.05 17.55
CA GLY A 47 -2.26 28.09 16.81
C GLY A 47 -2.02 27.86 15.34
N ALA A 48 -2.87 28.45 14.51
CA ALA A 48 -2.66 28.42 13.07
C ALA A 48 -1.31 29.05 12.74
N LYS A 49 -0.53 28.38 11.89
CA LYS A 49 0.73 28.94 11.45
C LYS A 49 0.46 30.11 10.50
N ARG A 50 0.88 31.30 10.91
CA ARG A 50 0.62 32.51 10.14
C ARG A 50 1.37 32.50 8.82
N VAL A 51 0.72 33.06 7.79
CA VAL A 51 1.25 32.99 6.43
C VAL A 51 1.48 34.37 5.83
N LEU A 52 2.67 34.60 5.29
CA LEU A 52 2.97 35.84 4.58
C LEU A 52 2.94 35.64 3.07
N LEU A 53 2.09 36.41 2.40
CA LEU A 53 2.00 36.34 0.94
C LEU A 53 2.46 37.66 0.32
N LEU A 54 3.45 37.56 -0.56
CA LEU A 54 4.07 38.72 -1.19
C LEU A 54 4.71 38.31 -2.52
N HIS A 55 5.18 39.27 -3.31
CA HIS A 55 5.62 38.94 -4.66
C HIS A 55 6.83 39.74 -5.12
N GLY A 56 7.42 39.27 -6.22
CA GLY A 56 8.59 39.87 -6.83
C GLY A 56 8.32 40.93 -7.89
N SER A 57 9.30 41.12 -8.78
CA SER A 57 9.19 42.13 -9.82
C SER A 57 8.31 41.66 -10.98
N LYS A 58 7.36 42.52 -11.36
CA LYS A 58 6.49 42.29 -12.52
C LYS A 58 5.88 40.89 -12.50
N CYS A 59 5.29 40.56 -11.36
CA CYS A 59 4.58 39.30 -11.20
C CYS A 59 3.28 39.29 -11.99
N PRO A 60 3.10 38.30 -12.86
CA PRO A 60 1.95 38.12 -13.78
C PRO A 60 0.62 37.90 -13.06
N THR A 61 -0.47 38.13 -13.78
CA THR A 61 -1.82 38.09 -13.23
C THR A 61 -2.24 36.74 -12.61
N PRO A 62 -1.96 35.61 -13.28
CA PRO A 62 -2.37 34.34 -12.66
C PRO A 62 -1.74 34.12 -11.29
N LEU A 63 -0.47 34.45 -11.15
CA LEU A 63 0.24 34.33 -9.88
C LEU A 63 -0.41 35.22 -8.81
N HIS A 64 -0.82 36.41 -9.20
CA HIS A 64 -1.49 37.33 -8.28
C HIS A 64 -2.82 36.76 -7.83
N THR A 65 -3.52 36.11 -8.75
CA THR A 65 -4.78 35.46 -8.43
C THR A 65 -4.54 34.34 -7.42
N VAL A 66 -3.50 33.56 -7.65
CA VAL A 66 -3.10 32.49 -6.72
C VAL A 66 -2.81 33.04 -5.32
N LEU A 67 -2.04 34.13 -5.27
CA LEU A 67 -1.69 34.76 -4.00
C LEU A 67 -2.93 35.26 -3.27
N LYS A 68 -3.87 35.83 -4.03
CA LYS A 68 -5.11 36.35 -3.46
C LYS A 68 -5.98 35.22 -2.90
N VAL A 69 -6.11 34.15 -3.66
CA VAL A 69 -6.91 33.00 -3.24
C VAL A 69 -6.30 32.33 -2.00
N PHE A 70 -4.99 32.12 -2.04
CA PHE A 70 -4.28 31.57 -0.89
C PHE A 70 -4.46 32.47 0.33
N HIS A 71 -4.41 33.77 0.12
CA HIS A 71 -4.64 34.74 1.19
C HIS A 71 -6.02 34.55 1.79
N SER A 72 -7.02 34.39 0.93
CA SER A 72 -8.39 34.17 1.37
C SER A 72 -8.58 32.86 2.14
N LEU A 73 -7.89 31.81 1.69
CA LEU A 73 -8.02 30.49 2.30
C LEU A 73 -7.36 30.40 3.68
N THR A 74 -6.39 31.27 3.92
CA THR A 74 -5.65 31.22 5.18
C THR A 74 -6.07 32.33 6.13
N THR A 75 -7.17 33.00 5.78
CA THR A 75 -7.80 33.99 6.63
C THR A 75 -8.30 33.31 7.90
N PRO A 76 -8.13 33.94 9.08
CA PRO A 76 -7.64 35.28 9.37
C PRO A 76 -6.16 35.37 9.76
N HIS A 77 -5.40 34.30 9.55
CA HIS A 77 -4.01 34.27 10.00
C HIS A 77 -3.01 34.46 8.85
N SER A 78 -3.36 35.29 7.87
CA SER A 78 -2.47 35.56 6.77
C SER A 78 -2.28 37.04 6.50
N VAL A 79 -1.18 37.38 5.83
CA VAL A 79 -0.83 38.75 5.54
C VAL A 79 -0.43 38.90 4.07
N LEU A 80 -1.15 39.76 3.35
CA LEU A 80 -0.89 40.01 1.94
C LEU A 80 -0.17 41.33 1.72
N PHE A 81 1.05 41.27 1.22
CA PHE A 81 1.89 42.44 1.03
C PHE A 81 1.81 42.82 -0.44
N HIS A 82 1.26 44.00 -0.73
CA HIS A 82 1.05 44.46 -2.10
C HIS A 82 2.23 45.23 -2.69
N LYS A 83 3.37 45.20 -2.03
CA LYS A 83 4.54 45.91 -2.51
C LYS A 83 5.14 45.17 -3.69
N LYS A 84 5.67 45.91 -4.66
CA LYS A 84 6.36 45.28 -5.77
C LYS A 84 7.79 45.11 -5.34
N ASN A 85 8.04 43.98 -4.68
CA ASN A 85 9.29 43.77 -4.00
C ASN A 85 10.33 43.38 -5.02
N GLU A 86 11.51 43.97 -4.89
CA GLU A 86 12.60 43.66 -5.78
C GLU A 86 13.78 43.29 -4.92
N ASN A 87 14.80 42.72 -5.53
CA ASN A 87 16.03 42.32 -4.84
C ASN A 87 15.79 41.15 -3.90
N ILE A 88 14.63 40.50 -3.98
CA ILE A 88 14.37 39.32 -3.17
C ILE A 88 14.55 38.07 -4.01
N HIS A 89 15.54 37.27 -3.65
CA HIS A 89 15.85 36.03 -4.35
C HIS A 89 16.17 34.94 -3.34
N PRO A 90 15.14 34.22 -2.87
CA PRO A 90 15.24 33.28 -1.74
C PRO A 90 16.37 32.26 -1.85
N PHE A 91 16.63 31.75 -3.03
CA PHE A 91 17.66 30.73 -3.19
C PHE A 91 19.06 31.35 -3.33
N GLU A 92 19.12 32.67 -3.38
CA GLU A 92 20.39 33.37 -3.28
C GLU A 92 20.62 33.75 -1.83
N SER A 93 19.55 34.18 -1.17
CA SER A 93 19.58 34.56 0.24
C SER A 93 18.15 34.69 0.76
N THR A 94 17.90 34.08 1.92
CA THR A 94 16.57 34.12 2.52
C THR A 94 16.46 35.24 3.56
N GLU A 95 17.45 36.13 3.59
CA GLU A 95 17.54 37.14 4.64
C GLU A 95 16.37 38.13 4.66
N SER A 96 16.09 38.75 3.52
CA SER A 96 14.99 39.72 3.43
C SER A 96 13.65 39.02 3.67
N LEU A 97 13.54 37.81 3.13
CA LEU A 97 12.42 36.92 3.37
C LEU A 97 12.19 36.74 4.86
N GLU A 98 13.24 36.32 5.56
CA GLU A 98 13.20 36.12 7.00
C GLU A 98 12.82 37.41 7.73
N PHE A 99 13.31 38.54 7.23
CA PHE A 99 13.01 39.83 7.83
C PHE A 99 11.52 40.15 7.78
N LEU A 100 10.94 40.07 6.59
CA LEU A 100 9.52 40.39 6.44
C LEU A 100 8.64 39.39 7.21
N ALA A 101 9.01 38.12 7.13
CA ALA A 101 8.26 37.07 7.80
C ALA A 101 8.26 37.26 9.31
N ASN A 102 9.44 37.48 9.88
CA ASN A 102 9.58 37.68 11.32
C ASN A 102 8.91 38.97 11.76
N LYS A 103 8.99 39.98 10.93
CA LYS A 103 8.41 41.28 11.25
C LYS A 103 6.88 41.18 11.24
N ASN A 104 6.35 40.19 10.51
CA ASN A 104 4.91 39.95 10.53
C ASN A 104 4.54 38.69 11.32
N ASP A 105 5.50 38.14 12.04
CA ASP A 105 5.29 36.95 12.87
C ASP A 105 4.65 35.80 12.07
N CYS A 106 5.21 35.49 10.91
CA CYS A 106 4.66 34.44 10.07
C CYS A 106 5.60 33.24 10.02
N GLY A 107 5.03 32.04 10.13
CA GLY A 107 5.82 30.83 10.08
C GLY A 107 5.91 30.27 8.67
N MET A 108 5.14 30.85 7.75
CA MET A 108 5.16 30.43 6.36
C MET A 108 5.11 31.62 5.42
N VAL A 109 5.83 31.50 4.30
CA VAL A 109 5.89 32.54 3.29
C VAL A 109 5.59 31.98 1.91
N ILE A 110 4.71 32.67 1.19
CA ILE A 110 4.40 32.34 -0.20
C ILE A 110 4.83 33.50 -1.09
N PHE A 111 5.87 33.27 -1.87
CA PHE A 111 6.51 34.34 -2.64
C PHE A 111 6.35 34.14 -4.14
N GLY A 112 5.61 35.03 -4.78
CA GLY A 112 5.45 34.98 -6.23
C GLY A 112 6.52 35.75 -6.95
N SER A 113 7.03 35.17 -8.04
CA SER A 113 8.05 35.83 -8.86
C SER A 113 8.04 35.25 -10.25
N SER A 114 8.72 35.92 -11.18
CA SER A 114 8.76 35.43 -12.56
C SER A 114 9.93 36.01 -13.36
N ASN A 115 10.69 35.12 -13.99
CA ASN A 115 11.70 35.52 -14.96
C ASN A 115 11.78 34.50 -16.10
N LYS A 116 12.71 34.73 -17.03
CA LYS A 116 12.80 33.90 -18.23
C LYS A 116 13.16 32.46 -17.91
N LYS A 117 14.05 32.26 -16.94
CA LYS A 117 14.50 30.93 -16.57
C LYS A 117 13.44 30.20 -15.73
N ARG A 118 12.77 30.94 -14.84
CA ARG A 118 11.74 30.37 -13.98
C ARG A 118 10.49 31.24 -13.94
N PRO A 119 9.63 31.09 -14.95
CA PRO A 119 8.39 31.87 -15.07
C PRO A 119 7.27 31.35 -14.17
N ASN A 120 6.40 32.25 -13.72
CA ASN A 120 5.27 31.89 -12.86
C ASN A 120 5.69 31.03 -11.69
N CYS A 121 6.68 31.49 -10.95
CA CYS A 121 7.24 30.72 -9.84
C CYS A 121 6.63 31.12 -8.50
N LEU A 122 6.11 30.11 -7.80
CA LEU A 122 5.59 30.24 -6.45
C LEU A 122 6.53 29.55 -5.48
N THR A 123 7.21 30.33 -4.65
CA THR A 123 8.14 29.78 -3.68
C THR A 123 7.51 29.67 -2.30
N ILE A 124 7.48 28.45 -1.77
CA ILE A 124 6.98 28.22 -0.42
C ILE A 124 8.13 28.02 0.54
N ALA A 125 8.15 28.81 1.62
CA ALA A 125 9.21 28.68 2.61
C ALA A 125 8.64 28.63 4.02
N ARG A 126 9.15 27.73 4.84
CA ARG A 126 8.74 27.71 6.25
C ARG A 126 9.81 28.36 7.12
N ILE A 127 9.36 29.07 8.16
CA ILE A 127 10.26 29.72 9.09
C ILE A 127 10.27 28.99 10.44
N PHE A 128 11.46 28.63 10.90
CA PHE A 128 11.61 28.12 12.26
C PHE A 128 12.70 28.88 13.00
N ASP A 129 12.35 29.38 14.18
CA ASP A 129 13.28 30.13 15.03
C ASP A 129 13.89 31.31 14.27
N SER A 130 13.02 32.08 13.63
CA SER A 130 13.37 33.34 12.95
C SER A 130 14.21 33.14 11.69
N LYS A 131 14.45 31.88 11.30
CA LYS A 131 15.17 31.59 10.07
C LYS A 131 14.41 30.60 9.20
N VAL A 132 14.76 30.54 7.93
CA VAL A 132 14.10 29.62 7.00
C VAL A 132 14.44 28.17 7.34
N LEU A 133 13.40 27.34 7.41
CA LEU A 133 13.56 25.93 7.71
C LEU A 133 13.78 25.15 6.41
N ASP A 134 12.72 25.01 5.63
CA ASP A 134 12.82 24.37 4.33
C ASP A 134 12.11 25.20 3.27
N MET A 135 12.45 24.97 2.00
CA MET A 135 11.97 25.81 0.91
C MET A 135 11.74 24.99 -0.36
N ALA A 136 10.72 25.35 -1.12
CA ALA A 136 10.40 24.64 -2.35
C ALA A 136 9.84 25.55 -3.42
N GLU A 137 10.21 25.30 -4.68
CA GLU A 137 9.66 26.04 -5.80
C GLU A 137 8.57 25.26 -6.51
N LEU A 138 7.48 25.94 -6.85
CA LEU A 138 6.42 25.36 -7.65
C LEU A 138 6.13 26.29 -8.83
N LEU A 139 6.33 25.79 -10.04
CA LEU A 139 6.19 26.61 -11.24
C LEU A 139 4.82 26.37 -11.89
N LEU A 140 4.03 27.43 -11.93
CA LEU A 140 2.68 27.37 -12.47
C LEU A 140 2.66 27.04 -13.96
N LEU A 141 1.98 25.95 -14.30
CA LEU A 141 1.86 25.49 -15.68
C LEU A 141 0.68 26.14 -16.38
N PRO A 142 0.75 26.26 -17.71
CA PRO A 142 -0.35 26.86 -18.49
C PRO A 142 -1.64 26.07 -18.36
N ASP A 143 -2.76 26.72 -18.72
CA ASP A 143 -4.11 26.20 -18.53
C ASP A 143 -4.35 24.92 -19.34
N ALA A 144 -5.52 24.31 -19.16
CA ALA A 144 -5.92 23.10 -19.88
C ALA A 144 -5.61 23.31 -21.36
N ASN A 145 -5.99 24.49 -21.86
CA ASN A 145 -5.58 25.07 -23.14
C ASN A 145 -6.59 26.10 -23.65
N GLY A 146 -6.29 27.37 -23.37
CA GLY A 146 -7.01 28.53 -23.84
C GLY A 146 -8.16 29.14 -23.04
N GLU A 147 -8.34 28.73 -21.79
CA GLU A 147 -9.27 29.45 -20.90
C GLU A 147 -8.49 30.37 -19.96
N GLY A 148 -7.36 29.87 -19.47
CA GLY A 148 -6.49 30.60 -18.55
C GLY A 148 -6.92 30.37 -17.11
N ILE A 149 -6.44 31.23 -16.20
CA ILE A 149 -6.89 31.19 -14.83
C ILE A 149 -7.67 32.47 -14.53
N PRO A 150 -8.98 32.33 -14.31
CA PRO A 150 -9.87 33.46 -14.04
C PRO A 150 -9.43 34.29 -12.83
N GLU A 151 -9.70 35.58 -12.85
CA GLU A 151 -9.33 36.46 -11.76
C GLU A 151 -10.29 36.25 -10.60
N MET A 152 -9.74 35.97 -9.42
CA MET A 152 -10.55 35.75 -8.22
C MET A 152 -9.86 36.33 -7.00
N ASN A 153 -10.62 36.61 -5.96
CA ASN A 153 -10.06 37.10 -4.70
C ASN A 153 -10.37 36.11 -3.58
N ARG A 154 -11.19 35.12 -3.88
CA ARG A 154 -11.55 34.08 -2.92
C ARG A 154 -11.85 32.78 -3.65
N LEU A 155 -12.08 31.70 -2.90
CA LEU A 155 -12.28 30.39 -3.49
C LEU A 155 -13.62 30.27 -4.22
N SER A 156 -14.68 30.69 -3.53
CA SER A 156 -16.04 30.56 -4.05
C SER A 156 -17.04 31.23 -3.11
N MET A 157 -18.14 31.72 -3.66
CA MET A 157 -19.20 32.33 -2.86
C MET A 157 -19.98 31.28 -2.07
N HIS A 158 -19.85 30.03 -2.49
CA HIS A 158 -20.54 28.92 -1.82
C HIS A 158 -19.73 28.31 -0.69
N VAL A 159 -18.58 28.92 -0.39
CA VAL A 159 -17.72 28.45 0.69
C VAL A 159 -17.32 29.60 1.60
N ALA A 160 -17.63 29.45 2.89
CA ALA A 160 -17.31 30.47 3.88
C ALA A 160 -15.80 30.68 3.96
N ILE A 161 -15.39 31.93 4.14
CA ILE A 161 -13.99 32.27 4.25
C ILE A 161 -13.41 31.77 5.58
N GLY A 162 -12.31 31.01 5.49
CA GLY A 162 -11.62 30.54 6.68
C GLY A 162 -12.09 29.20 7.21
N LEU A 163 -12.94 28.51 6.46
CA LEU A 163 -13.35 27.16 6.84
C LEU A 163 -12.20 26.17 6.61
N ARG A 164 -12.07 25.20 7.51
CA ARG A 164 -11.09 24.13 7.33
C ARG A 164 -11.48 23.26 6.14
N PRO A 165 -10.51 22.98 5.26
CA PRO A 165 -10.74 22.08 4.13
C PRO A 165 -10.59 20.61 4.49
N LEU A 166 -11.30 19.75 3.77
CA LEU A 166 -10.95 18.34 3.74
C LEU A 166 -9.78 18.21 2.78
N MET A 167 -8.82 17.35 3.09
CA MET A 167 -7.62 17.25 2.26
C MET A 167 -7.45 15.84 1.72
N LEU A 168 -7.11 15.76 0.44
CA LEU A 168 -6.88 14.48 -0.21
C LEU A 168 -5.59 14.51 -1.01
N PHE A 169 -4.62 13.69 -0.60
CA PHE A 169 -3.40 13.53 -1.36
C PHE A 169 -3.45 12.23 -2.14
N SER A 170 -3.64 12.34 -3.46
CA SER A 170 -3.77 11.16 -4.31
C SER A 170 -2.53 10.98 -5.17
N GLY A 171 -2.22 9.74 -5.50
CA GLY A 171 -0.99 9.41 -6.21
C GLY A 171 -0.04 8.63 -5.32
N SER A 172 0.82 7.82 -5.93
CA SER A 172 1.71 6.95 -5.18
C SER A 172 2.91 7.67 -4.60
N ALA A 173 3.27 8.81 -5.19
CA ALA A 173 4.45 9.57 -4.79
C ALA A 173 4.39 10.03 -3.33
N TRP A 174 3.19 10.35 -2.84
CA TRP A 174 3.03 10.79 -1.46
C TRP A 174 3.32 9.66 -0.47
N ASP A 175 3.30 8.44 -0.97
CA ASP A 175 3.52 7.25 -0.14
C ASP A 175 4.96 6.75 -0.27
N ASP A 176 5.76 7.45 -1.06
CA ASP A 176 7.17 7.09 -1.25
C ASP A 176 8.05 7.82 -0.23
N THR A 177 8.54 7.07 0.75
CA THR A 177 9.33 7.64 1.85
C THR A 177 10.72 8.10 1.42
N THR A 178 11.09 7.79 0.18
CA THR A 178 12.41 8.14 -0.32
C THR A 178 12.38 9.36 -1.23
N SER A 179 11.18 9.79 -1.61
CA SER A 179 11.02 11.04 -2.35
C SER A 179 10.92 12.20 -1.38
N THR A 180 12.05 12.89 -1.16
CA THR A 180 12.11 13.98 -0.19
C THR A 180 11.29 15.17 -0.66
N THR A 181 11.17 15.32 -1.97
CA THR A 181 10.42 16.41 -2.56
C THR A 181 8.93 16.32 -2.19
N HIS A 182 8.34 15.15 -2.39
CA HIS A 182 6.92 14.96 -2.09
C HIS A 182 6.65 14.96 -0.58
N THR A 183 7.63 14.49 0.19
CA THR A 183 7.51 14.52 1.65
C THR A 183 7.45 15.97 2.13
N MET A 184 8.39 16.77 1.63
CA MET A 184 8.44 18.18 1.98
C MET A 184 7.20 18.92 1.52
N LEU A 185 6.78 18.69 0.27
CA LEU A 185 5.60 19.35 -0.27
C LEU A 185 4.34 18.99 0.50
N LYS A 186 4.17 17.71 0.84
CA LYS A 186 3.00 17.30 1.60
C LYS A 186 2.99 17.97 2.97
N SER A 187 4.13 17.92 3.65
CA SER A 187 4.28 18.57 4.95
C SER A 187 3.92 20.06 4.87
N MET A 188 4.49 20.75 3.89
CA MET A 188 4.24 22.18 3.69
C MET A 188 2.79 22.51 3.38
N LEU A 189 2.17 21.73 2.51
CA LEU A 189 0.80 22.02 2.08
C LEU A 189 -0.19 21.78 3.21
N VAL A 190 -0.01 20.68 3.95
CA VAL A 190 -0.83 20.42 5.12
C VAL A 190 -0.63 21.54 6.14
N ASP A 191 0.62 21.93 6.35
CA ASP A 191 0.95 23.01 7.28
C ASP A 191 0.27 24.33 6.86
N LEU A 192 0.18 24.53 5.55
CA LEU A 192 -0.37 25.75 4.98
C LEU A 192 -1.89 25.83 5.09
N PHE A 193 -2.57 24.71 4.87
CA PHE A 193 -4.02 24.75 4.72
C PHE A 193 -4.81 24.14 5.89
N LYS A 194 -4.10 23.64 6.90
CA LYS A 194 -4.78 23.01 8.04
C LYS A 194 -5.52 24.02 8.90
N GLY A 195 -5.23 25.30 8.71
CA GLY A 195 -5.84 26.36 9.50
C GLY A 195 -5.57 26.18 10.97
N GLU A 196 -6.57 26.43 11.80
CA GLU A 196 -6.46 26.14 13.23
C GLU A 196 -7.08 24.78 13.53
N THR A 197 -6.23 23.82 13.89
CA THR A 197 -6.70 22.47 14.19
C THR A 197 -7.43 22.42 15.53
N SER A 198 -8.41 21.54 15.62
CA SER A 198 -9.14 21.33 16.86
C SER A 198 -9.70 19.91 16.89
N ASP A 199 -10.08 19.44 18.07
CA ASP A 199 -10.56 18.07 18.23
C ASP A 199 -12.05 17.96 17.93
N LYS A 200 -12.67 19.07 17.55
CA LYS A 200 -14.10 19.11 17.25
C LYS A 200 -14.34 19.76 15.90
N ILE A 201 -15.37 19.28 15.19
CA ILE A 201 -15.82 19.96 13.99
C ILE A 201 -17.31 19.70 13.74
N ASP A 202 -18.03 20.76 13.42
CA ASP A 202 -19.44 20.66 13.06
C ASP A 202 -19.59 19.94 11.72
N VAL A 203 -20.55 19.04 11.64
CA VAL A 203 -20.84 18.30 10.42
C VAL A 203 -21.20 19.25 9.29
N GLU A 204 -21.68 20.45 9.64
CA GLU A 204 -22.03 21.46 8.65
C GLU A 204 -20.78 22.16 8.10
N GLY A 205 -19.64 21.98 8.76
CA GLY A 205 -18.39 22.56 8.33
C GLY A 205 -17.67 21.79 7.24
N LEU A 206 -18.16 20.59 6.95
CA LEU A 206 -17.55 19.74 5.92
C LEU A 206 -18.08 20.11 4.54
N GLN A 207 -17.66 21.27 4.04
CA GLN A 207 -18.27 21.84 2.84
C GLN A 207 -17.40 21.73 1.58
N TYR A 208 -16.09 21.74 1.74
CA TYR A 208 -15.23 21.70 0.57
C TYR A 208 -13.95 20.91 0.81
N ALA A 209 -13.34 20.49 -0.29
CA ALA A 209 -12.15 19.66 -0.24
C ALA A 209 -11.08 20.17 -1.17
N LEU A 210 -9.83 19.97 -0.76
CA LEU A 210 -8.68 20.22 -1.62
C LEU A 210 -8.03 18.90 -1.99
N MET A 211 -7.87 18.66 -3.28
CA MET A 211 -7.07 17.53 -3.72
C MET A 211 -5.73 18.00 -4.26
N VAL A 212 -4.68 17.35 -3.77
CA VAL A 212 -3.34 17.52 -4.29
C VAL A 212 -2.90 16.19 -4.90
N GLY A 213 -3.04 16.07 -6.22
CA GLY A 213 -2.69 14.84 -6.91
C GLY A 213 -1.30 14.89 -7.49
N ALA A 214 -0.48 13.90 -7.17
CA ALA A 214 0.86 13.81 -7.73
C ALA A 214 0.82 12.91 -8.95
N GLU A 215 1.15 13.46 -10.11
CA GLU A 215 1.25 12.66 -11.32
C GLU A 215 2.27 11.55 -11.11
N GLU A 216 1.97 10.37 -11.62
CA GLU A 216 2.91 9.25 -11.55
C GLU A 216 4.19 9.64 -12.27
N PRO A 217 5.33 9.52 -11.59
CA PRO A 217 6.52 10.16 -12.14
C PRO A 217 7.15 9.33 -13.25
N THR A 218 7.94 10.00 -14.08
CA THR A 218 8.69 9.34 -15.13
C THR A 218 10.15 9.77 -14.99
N ALA A 219 11.06 8.91 -15.44
CA ALA A 219 12.48 9.26 -15.41
C ALA A 219 12.80 10.44 -16.32
N GLY A 220 13.61 11.36 -15.80
CA GLY A 220 14.09 12.48 -16.59
C GLY A 220 13.21 13.71 -16.53
N LEU A 221 12.08 13.62 -15.83
CA LEU A 221 11.14 14.72 -15.79
C LEU A 221 10.90 15.20 -14.37
N ALA A 222 10.83 16.53 -14.20
CA ALA A 222 10.52 17.12 -12.91
C ALA A 222 9.08 16.77 -12.53
N PRO A 223 8.86 16.38 -11.27
CA PRO A 223 7.52 15.99 -10.79
C PRO A 223 6.45 17.07 -10.98
N ILE A 224 5.24 16.64 -11.34
CA ILE A 224 4.09 17.52 -11.49
C ILE A 224 3.02 17.24 -10.43
N ILE A 225 2.45 18.31 -9.88
CA ILE A 225 1.33 18.16 -8.95
C ILE A 225 0.14 19.01 -9.37
N HIS A 226 -1.06 18.54 -9.05
CA HIS A 226 -2.28 19.26 -9.39
C HIS A 226 -3.07 19.60 -8.14
N LEU A 227 -3.44 20.87 -8.00
CA LEU A 227 -4.31 21.31 -6.93
C LEU A 227 -5.69 21.66 -7.48
N ARG A 228 -6.70 21.05 -6.88
CA ARG A 228 -8.10 21.28 -7.26
C ARG A 228 -8.99 21.43 -6.03
N TRP A 229 -9.92 22.39 -6.08
CA TRP A 229 -10.88 22.54 -4.98
C TRP A 229 -12.29 22.13 -5.42
N TYR A 230 -13.04 21.55 -4.49
CA TYR A 230 -14.38 21.08 -4.78
C TYR A 230 -15.36 21.40 -3.66
N LYS A 231 -16.54 21.90 -4.03
CA LYS A 231 -17.66 21.99 -3.12
C LYS A 231 -18.27 20.60 -2.94
N ILE A 232 -18.49 20.20 -1.69
CA ILE A 232 -19.04 18.88 -1.42
C ILE A 232 -20.56 18.90 -1.40
N VAL A 233 -21.18 18.06 -2.22
CA VAL A 233 -22.63 17.92 -2.21
C VAL A 233 -23.00 16.48 -1.90
N THR A 234 -23.79 16.29 -0.85
CA THR A 234 -24.18 14.96 -0.38
C THR A 234 -25.63 14.62 -0.76
N LYS A 235 -25.81 13.48 -1.40
CA LYS A 235 -27.15 13.01 -1.76
C LYS A 235 -27.47 11.77 -0.94
N ARG A 236 -28.76 11.52 -0.70
CA ARG A 236 -29.16 10.29 0.00
C ARG A 236 -28.92 9.10 -0.93
N SER A 237 -28.41 8.00 -0.36
CA SER A 237 -27.99 6.85 -1.15
C SER A 237 -28.71 5.58 -0.77
N GLY A 238 -29.58 5.65 0.23
CA GLY A 238 -30.26 4.47 0.74
C GLY A 238 -29.55 3.91 1.95
N HIS A 239 -28.23 3.88 1.90
CA HIS A 239 -27.42 3.47 3.04
C HIS A 239 -27.41 4.56 4.10
N LYS A 240 -26.82 4.27 5.25
CA LYS A 240 -26.80 5.23 6.34
C LYS A 240 -25.77 6.31 6.07
N LEU A 241 -24.80 5.98 5.21
CA LEU A 241 -23.80 6.93 4.73
C LEU A 241 -24.23 7.57 3.42
N PRO A 242 -24.15 8.91 3.34
CA PRO A 242 -24.53 9.65 2.13
C PRO A 242 -23.59 9.42 0.95
N ARG A 243 -24.11 9.58 -0.26
CA ARG A 243 -23.30 9.56 -1.48
C ARG A 243 -22.65 10.93 -1.69
N VAL A 244 -21.38 10.92 -2.06
CA VAL A 244 -20.64 12.15 -2.28
C VAL A 244 -20.55 12.50 -3.76
N GLU A 245 -20.88 13.75 -4.08
CA GLU A 245 -20.63 14.32 -5.40
C GLU A 245 -19.87 15.63 -5.22
N LEU A 246 -19.11 16.03 -6.24
CA LEU A 246 -18.30 17.24 -6.14
C LEU A 246 -18.65 18.29 -7.19
N GLU A 247 -18.49 19.56 -6.82
CA GLU A 247 -18.61 20.66 -7.76
C GLU A 247 -17.28 21.40 -7.87
N GLU A 248 -16.73 21.50 -9.06
CA GLU A 248 -15.45 22.19 -9.25
C GLU A 248 -15.54 23.65 -8.81
N ILE A 249 -14.62 24.08 -7.95
CA ILE A 249 -14.59 25.48 -7.52
C ILE A 249 -13.16 26.02 -7.45
N GLY A 250 -13.05 27.34 -7.46
CA GLY A 250 -11.77 28.01 -7.35
C GLY A 250 -10.86 27.81 -8.55
N PRO A 251 -9.61 28.26 -8.44
CA PRO A 251 -8.64 28.12 -9.54
C PRO A 251 -8.16 26.68 -9.67
N LYS A 252 -7.83 26.28 -10.89
CA LYS A 252 -7.35 24.93 -11.16
C LYS A 252 -5.84 24.99 -11.40
N LEU A 253 -5.06 24.56 -10.41
CA LEU A 253 -3.63 24.84 -10.44
C LEU A 253 -2.79 23.62 -10.82
N ASP A 254 -1.89 23.81 -11.78
CA ASP A 254 -0.94 22.76 -12.15
C ASP A 254 0.49 23.26 -11.92
N PHE A 255 1.28 22.49 -11.18
CA PHE A 255 2.63 22.91 -10.83
C PHE A 255 3.71 21.92 -11.25
N LYS A 256 4.85 22.46 -11.62
CA LYS A 256 6.07 21.70 -11.85
C LYS A 256 7.06 22.00 -10.73
N VAL A 257 7.60 20.99 -10.08
CA VAL A 257 8.49 21.25 -8.95
C VAL A 257 9.86 21.73 -9.43
N GLY A 258 10.33 22.83 -8.82
CA GLY A 258 11.62 23.41 -9.16
C GLY A 258 12.68 23.07 -8.14
N ARG A 259 13.42 24.08 -7.70
CA ARG A 259 14.49 23.85 -6.74
C ARG A 259 13.95 23.51 -5.36
N ILE A 260 14.74 22.74 -4.61
CA ILE A 260 14.41 22.37 -3.25
C ILE A 260 15.55 22.78 -2.34
N GLN A 261 15.25 23.40 -1.21
CA GLN A 261 16.25 23.61 -0.19
C GLN A 261 15.82 22.91 1.10
N GLU A 262 16.46 21.80 1.39
CA GLU A 262 16.12 21.02 2.57
C GLU A 262 16.62 21.68 3.85
N ALA A 263 16.08 21.25 4.98
CA ALA A 263 16.52 21.75 6.27
C ALA A 263 17.67 20.90 6.81
N PRO A 264 18.61 21.54 7.52
CA PRO A 264 19.63 20.77 8.25
C PRO A 264 18.97 19.83 9.24
N ARG A 265 19.43 18.58 9.31
CA ARG A 265 18.79 17.56 10.13
C ARG A 265 18.79 17.98 11.60
N ASP A 266 19.81 18.74 11.99
CA ASP A 266 19.87 19.33 13.32
C ASP A 266 18.65 20.22 13.55
N VAL A 267 18.52 21.23 12.70
CA VAL A 267 17.46 22.22 12.81
C VAL A 267 16.09 21.57 12.65
N MET A 268 15.99 20.66 11.69
CA MET A 268 14.72 19.96 11.45
C MET A 268 14.27 19.15 12.65
N LYS A 269 15.17 18.34 13.21
CA LYS A 269 14.81 17.54 14.38
C LYS A 269 14.56 18.41 15.60
N GLU A 270 15.18 19.59 15.67
CA GLU A 270 14.84 20.54 16.72
C GLU A 270 13.41 21.06 16.52
N ALA A 271 13.03 21.29 15.27
CA ALA A 271 11.72 21.84 14.94
C ALA A 271 10.59 20.83 15.09
N MET A 272 10.92 19.54 14.96
CA MET A 272 9.92 18.48 15.01
C MET A 272 9.53 18.07 16.42
N LYS A 273 10.21 18.64 17.42
CA LYS A 273 9.97 18.26 18.80
C LYS A 273 8.65 18.84 19.30
N GLN A 274 7.75 17.96 19.72
CA GLN A 274 6.43 18.35 20.18
C GLN A 274 6.37 18.39 21.70
N GLY A 275 5.79 19.46 22.24
CA GLY A 275 5.63 19.60 23.67
C GLY A 275 4.41 18.88 24.18
N GLU B 20 -29.37 1.97 -1.28
CA GLU B 20 -29.64 0.62 -1.74
C GLU B 20 -29.39 0.53 -3.25
N ARG B 21 -29.11 1.66 -3.89
CA ARG B 21 -28.93 1.67 -5.34
C ARG B 21 -27.70 2.46 -5.83
N LEU B 22 -27.17 3.36 -5.01
CA LEU B 22 -25.94 4.05 -5.40
C LEU B 22 -24.88 3.84 -4.32
N PRO B 23 -23.71 3.30 -4.73
CA PRO B 23 -22.61 2.88 -3.85
C PRO B 23 -21.92 4.01 -3.09
N ILE B 24 -21.72 3.78 -1.79
CA ILE B 24 -21.05 4.74 -0.92
C ILE B 24 -19.71 4.18 -0.52
N THR B 25 -19.32 3.09 -1.17
CA THR B 25 -18.03 2.45 -0.91
C THR B 25 -17.12 2.54 -2.12
N VAL B 26 -15.84 2.75 -1.85
CA VAL B 26 -14.82 2.76 -2.89
C VAL B 26 -13.84 1.66 -2.59
N SER B 27 -13.49 0.89 -3.62
CA SER B 27 -12.50 -0.15 -3.45
C SER B 27 -11.40 0.00 -4.48
N LYS B 28 -10.16 -0.16 -4.03
CA LYS B 28 -8.99 -0.01 -4.88
C LYS B 28 -7.98 -1.02 -4.39
N PRO B 29 -7.04 -1.43 -5.27
CA PRO B 29 -5.99 -2.38 -4.93
C PRO B 29 -5.33 -2.05 -3.59
N THR B 30 -4.97 -0.79 -3.39
CA THR B 30 -4.37 -0.34 -2.14
C THR B 30 -5.38 0.49 -1.36
N PRO B 31 -5.51 0.20 -0.05
CA PRO B 31 -6.49 0.93 0.77
C PRO B 31 -6.11 2.37 1.05
N TYR B 32 -7.10 3.22 1.27
CA TYR B 32 -6.86 4.61 1.68
C TYR B 32 -6.28 4.65 3.08
N THR B 33 -5.47 5.66 3.37
CA THR B 33 -5.04 5.88 4.76
C THR B 33 -5.59 7.21 5.24
N PHE B 34 -5.52 7.48 6.54
CA PHE B 34 -6.21 8.64 7.06
C PHE B 34 -5.47 9.38 8.17
N ASP B 35 -5.67 10.70 8.20
CA ASP B 35 -5.26 11.56 9.30
C ASP B 35 -6.42 12.51 9.58
N LEU B 36 -7.42 12.01 10.29
CA LEU B 36 -8.66 12.72 10.52
C LEU B 36 -8.47 13.97 11.39
N GLY B 37 -7.36 14.02 12.12
CA GLY B 37 -7.03 15.19 12.90
C GLY B 37 -6.75 16.39 12.02
N HIS B 38 -6.31 16.11 10.80
CA HIS B 38 -6.08 17.16 9.80
C HIS B 38 -7.15 17.09 8.71
N LEU B 39 -8.22 16.34 8.97
CA LEU B 39 -9.28 16.10 8.01
C LEU B 39 -8.70 15.60 6.69
N LEU B 40 -7.80 14.63 6.77
CA LEU B 40 -6.97 14.27 5.63
C LEU B 40 -7.12 12.80 5.25
N ALA B 41 -7.08 12.53 3.95
CA ALA B 41 -7.05 11.16 3.45
C ALA B 41 -5.94 11.01 2.41
N ASN B 42 -5.30 9.85 2.40
CA ASN B 42 -4.33 9.51 1.37
C ASN B 42 -4.84 8.40 0.46
N ASP B 43 -4.80 8.68 -0.84
CA ASP B 43 -5.08 7.69 -1.87
C ASP B 43 -3.76 7.29 -2.53
N PRO B 44 -3.12 6.25 -2.00
CA PRO B 44 -1.78 5.84 -2.45
C PRO B 44 -1.79 5.14 -3.81
N ASN B 45 -2.99 4.84 -4.31
CA ASN B 45 -3.11 4.23 -5.63
C ASN B 45 -2.65 5.20 -6.71
N PRO B 46 -2.12 4.67 -7.82
CA PRO B 46 -1.61 5.52 -8.91
C PRO B 46 -2.68 6.48 -9.43
N LEU B 47 -2.31 7.74 -9.61
CA LEU B 47 -3.24 8.75 -10.09
C LEU B 47 -3.59 8.47 -11.55
N GLU B 48 -4.84 8.06 -11.79
CA GLU B 48 -5.27 7.67 -13.12
C GLU B 48 -5.67 8.86 -13.97
N LEU B 49 -4.88 9.12 -15.00
CA LEU B 49 -5.15 10.24 -15.91
C LEU B 49 -5.19 9.75 -17.36
N PRO B 50 -6.29 9.07 -17.74
CA PRO B 50 -6.45 8.51 -19.08
C PRO B 50 -6.51 9.59 -20.17
N LYS B 51 -5.77 9.36 -21.25
CA LYS B 51 -5.66 10.30 -22.34
C LYS B 51 -7.00 10.51 -23.05
N SER B 52 -7.87 9.50 -22.99
CA SER B 52 -9.18 9.56 -23.64
C SER B 52 -10.11 10.55 -22.92
N GLU B 53 -9.71 10.97 -21.72
CA GLU B 53 -10.56 11.81 -20.89
C GLU B 53 -9.88 13.12 -20.53
N PRO B 54 -10.66 14.20 -20.37
CA PRO B 54 -10.11 15.51 -19.96
C PRO B 54 -9.52 15.43 -18.55
N LEU B 55 -8.38 16.09 -18.35
CA LEU B 55 -7.68 16.06 -17.07
C LEU B 55 -8.58 16.34 -15.87
N ASN B 56 -9.36 17.41 -15.95
CA ASN B 56 -10.19 17.84 -14.84
C ASN B 56 -11.26 16.82 -14.46
N ALA B 57 -11.70 16.03 -15.44
CA ALA B 57 -12.70 15.00 -15.20
C ALA B 57 -12.12 13.84 -14.42
N SER B 58 -10.91 13.43 -14.81
CA SER B 58 -10.21 12.35 -14.12
C SER B 58 -9.87 12.77 -12.70
N LEU B 59 -9.33 13.97 -12.56
CA LEU B 59 -9.02 14.52 -11.24
C LEU B 59 -10.27 14.57 -10.38
N LYS B 60 -11.39 15.01 -10.97
CA LYS B 60 -12.66 15.09 -10.25
C LYS B 60 -13.15 13.71 -9.81
N ALA B 61 -12.95 12.70 -10.65
CA ALA B 61 -13.35 11.34 -10.31
C ALA B 61 -12.55 10.81 -9.12
N THR B 62 -11.23 10.93 -9.23
CA THR B 62 -10.34 10.51 -8.15
C THR B 62 -10.70 11.22 -6.85
N ALA B 63 -10.92 12.53 -6.96
CA ALA B 63 -11.28 13.36 -5.81
C ALA B 63 -12.60 12.91 -5.20
N ARG B 64 -13.56 12.57 -6.04
CA ARG B 64 -14.87 12.14 -5.54
C ARG B 64 -14.74 10.84 -4.77
N ASP B 65 -13.96 9.91 -5.31
CA ASP B 65 -13.69 8.65 -4.60
C ASP B 65 -13.04 8.92 -3.25
N GLY B 66 -12.01 9.78 -3.25
CA GLY B 66 -11.27 10.07 -2.04
C GLY B 66 -12.07 10.79 -0.97
N VAL B 67 -12.92 11.73 -1.38
CA VAL B 67 -13.75 12.47 -0.44
C VAL B 67 -14.87 11.57 0.08
N GLN B 68 -15.37 10.69 -0.78
CA GLN B 68 -16.30 9.65 -0.33
C GLN B 68 -15.68 8.83 0.79
N SER B 69 -14.46 8.34 0.55
CA SER B 69 -13.75 7.55 1.55
C SER B 69 -13.53 8.32 2.84
N LEU B 70 -13.03 9.55 2.71
CA LEU B 70 -12.73 10.40 3.85
C LEU B 70 -13.97 10.69 4.70
N LEU B 71 -15.07 11.02 4.03
CA LEU B 71 -16.32 11.31 4.72
C LEU B 71 -16.87 10.07 5.41
N ASN B 72 -16.84 8.95 4.69
CA ASN B 72 -17.22 7.66 5.29
C ASN B 72 -16.44 7.41 6.57
N GLN B 73 -15.13 7.60 6.52
CA GLN B 73 -14.27 7.37 7.68
C GLN B 73 -14.62 8.31 8.83
N LEU B 74 -14.83 9.58 8.50
CA LEU B 74 -15.15 10.60 9.49
C LEU B 74 -16.47 10.30 10.21
N LEU B 75 -17.49 9.94 9.44
CA LEU B 75 -18.81 9.67 10.01
C LEU B 75 -18.84 8.35 10.77
N THR B 76 -18.08 7.37 10.29
CA THR B 76 -18.11 6.03 10.87
C THR B 76 -17.27 5.89 12.14
N THR B 77 -16.07 6.47 12.13
CA THR B 77 -15.10 6.20 13.20
C THR B 77 -15.02 7.27 14.29
N CYS B 78 -15.60 8.44 14.03
CA CYS B 78 -15.55 9.53 15.02
C CYS B 78 -16.78 9.58 15.91
N PRO B 79 -16.57 9.91 17.20
CA PRO B 79 -17.69 10.14 18.11
C PRO B 79 -18.53 11.35 17.69
N ILE B 80 -19.85 11.20 17.69
CA ILE B 80 -20.73 12.29 17.33
C ILE B 80 -21.48 12.80 18.56
N THR B 81 -21.45 14.11 18.78
CA THR B 81 -22.14 14.73 19.90
C THR B 81 -23.18 15.73 19.42
N SER B 82 -24.45 15.50 19.76
CA SER B 82 -25.52 16.39 19.35
C SER B 82 -26.07 17.17 20.55
N SER B 83 -25.97 18.50 20.47
CA SER B 83 -26.45 19.37 21.54
C SER B 83 -26.81 20.75 21.00
N GLN B 84 -26.98 21.70 21.90
CA GLN B 84 -27.26 23.08 21.52
C GLN B 84 -26.07 23.68 20.78
N GLN B 85 -24.87 23.18 21.09
CA GLN B 85 -23.67 23.61 20.40
C GLN B 85 -23.61 23.04 18.97
N GLY B 86 -24.57 22.16 18.65
CA GLY B 86 -24.70 21.62 17.32
C GLY B 86 -24.39 20.13 17.23
N VAL B 87 -24.16 19.66 16.01
CA VAL B 87 -23.75 18.28 15.78
C VAL B 87 -22.27 18.25 15.47
N LEU B 88 -21.48 17.70 16.40
CA LEU B 88 -20.02 17.78 16.30
C LEU B 88 -19.34 16.42 16.22
N LEU B 89 -18.40 16.29 15.30
CA LEU B 89 -17.52 15.13 15.28
C LEU B 89 -16.35 15.37 16.22
N THR B 90 -15.96 14.35 16.96
CA THR B 90 -14.75 14.43 17.76
C THR B 90 -13.60 13.84 16.95
N LEU B 91 -12.58 14.66 16.72
CA LEU B 91 -11.48 14.25 15.87
C LEU B 91 -10.31 13.73 16.70
N PRO B 92 -9.68 12.64 16.25
CA PRO B 92 -8.46 12.15 16.90
C PRO B 92 -7.34 13.18 16.73
N ALA B 93 -6.36 13.16 17.62
CA ALA B 93 -5.22 14.07 17.50
C ALA B 93 -4.52 13.86 16.17
N PRO B 94 -4.03 14.95 15.56
CA PRO B 94 -3.32 14.87 14.28
C PRO B 94 -2.15 13.91 14.33
N SER B 95 -2.08 12.99 13.36
CA SER B 95 -1.04 11.98 13.34
C SER B 95 0.17 12.41 12.53
N THR B 96 -0.06 13.28 11.54
CA THR B 96 1.03 13.84 10.76
C THR B 96 1.73 14.95 11.55
N ILE B 97 2.96 14.70 11.95
CA ILE B 97 3.71 15.67 12.74
C ILE B 97 4.32 16.75 11.85
N LEU B 98 4.06 18.01 12.20
CA LEU B 98 4.54 19.14 11.42
C LEU B 98 5.49 19.98 12.26
N PRO B 99 6.48 20.62 11.60
CA PRO B 99 7.46 21.46 12.30
C PRO B 99 6.83 22.67 12.97
N ARG B 100 7.39 23.06 14.11
CA ARG B 100 6.91 24.23 14.84
C ARG B 100 7.41 25.52 14.18
N HIS B 101 6.82 26.63 14.61
CA HIS B 101 7.27 27.95 14.16
C HIS B 101 8.37 28.47 15.09
N LYS B 102 8.09 28.40 16.39
CA LYS B 102 9.03 28.84 17.40
C LYS B 102 9.41 27.64 18.28
N PRO B 103 10.65 27.64 18.80
CA PRO B 103 11.11 26.52 19.62
C PRO B 103 10.29 26.34 20.90
N LEU B 104 10.22 25.11 21.38
CA LEU B 104 9.50 24.77 22.62
C LEU B 104 9.89 25.72 23.75
N PRO B 105 8.89 26.27 24.45
CA PRO B 105 9.13 27.36 25.39
C PRO B 105 10.10 27.02 26.51
N THR B 106 10.80 28.05 27.01
CA THR B 106 11.55 27.98 28.25
C THR B 106 10.75 27.37 29.40
N PRO B 107 11.15 26.20 29.92
CA PRO B 107 10.47 25.88 31.17
C PRO B 107 11.21 26.52 32.34
N LYS C 40 -18.29 -34.83 -2.97
CA LYS C 40 -19.16 -34.39 -1.89
C LYS C 40 -20.13 -33.33 -2.37
N GLU C 41 -20.81 -32.71 -1.42
CA GLU C 41 -21.66 -31.57 -1.69
C GLU C 41 -21.09 -30.34 -0.98
N PRO C 42 -21.35 -29.14 -1.55
CA PRO C 42 -20.80 -27.87 -1.04
C PRO C 42 -21.06 -27.64 0.45
N GLN C 43 -20.04 -27.15 1.15
CA GLN C 43 -20.14 -26.82 2.56
C GLN C 43 -20.00 -25.33 2.83
N LEU C 44 -20.63 -24.89 3.92
CA LEU C 44 -20.56 -23.50 4.32
C LEU C 44 -19.12 -23.17 4.69
N ILE C 45 -18.48 -24.09 5.41
CA ILE C 45 -17.05 -23.97 5.68
C ILE C 45 -16.33 -25.15 5.05
N GLU C 46 -15.65 -24.88 3.94
CA GLU C 46 -14.93 -25.92 3.22
C GLU C 46 -13.68 -26.31 3.99
N GLY C 47 -13.28 -27.58 3.86
CA GLY C 47 -12.07 -28.03 4.51
C GLY C 47 -10.87 -27.66 3.67
N ALA C 48 -9.82 -28.47 3.75
CA ALA C 48 -8.67 -28.29 2.88
C ALA C 48 -9.09 -28.38 1.42
N LYS C 49 -8.62 -27.45 0.60
CA LYS C 49 -8.89 -27.51 -0.82
C LYS C 49 -8.11 -28.67 -1.42
N ARG C 50 -8.81 -29.67 -1.94
CA ARG C 50 -8.19 -30.88 -2.45
C ARG C 50 -7.36 -30.60 -3.70
N VAL C 51 -6.25 -31.31 -3.83
CA VAL C 51 -5.28 -31.02 -4.88
C VAL C 51 -5.04 -32.23 -5.77
N LEU C 52 -5.14 -32.01 -7.08
CA LEU C 52 -4.80 -33.06 -8.03
C LEU C 52 -3.41 -32.81 -8.61
N LEU C 53 -2.55 -33.79 -8.46
CA LEU C 53 -1.20 -33.73 -9.01
C LEU C 53 -1.12 -34.73 -10.12
N LEU C 54 -0.76 -34.31 -11.33
CA LEU C 54 -0.71 -35.29 -12.40
C LEU C 54 0.27 -34.98 -13.51
N HIS C 55 0.62 -36.04 -14.23
CA HIS C 55 1.66 -36.04 -15.23
C HIS C 55 1.43 -37.23 -16.16
N GLY C 56 2.11 -37.26 -17.30
CA GLY C 56 2.04 -38.44 -18.15
C GLY C 56 3.20 -39.31 -17.73
N SER C 57 3.59 -40.28 -18.55
CA SER C 57 4.73 -41.14 -18.22
C SER C 57 6.05 -40.51 -18.63
N LYS C 58 6.04 -39.70 -19.69
CA LYS C 58 7.24 -38.97 -20.08
C LYS C 58 7.37 -37.66 -19.30
N CYS C 59 7.03 -37.71 -18.02
CA CYS C 59 7.27 -36.61 -17.10
C CYS C 59 8.72 -36.69 -16.63
N PRO C 60 9.48 -35.60 -16.77
CA PRO C 60 10.88 -35.68 -16.36
C PRO C 60 11.03 -35.98 -14.87
N THR C 61 12.16 -36.54 -14.47
CA THR C 61 12.36 -36.99 -13.10
C THR C 61 12.31 -35.88 -12.04
N PRO C 62 13.01 -34.75 -12.25
CA PRO C 62 12.93 -33.70 -11.22
C PRO C 62 11.51 -33.19 -10.99
N LEU C 63 10.78 -32.99 -12.09
CA LEU C 63 9.41 -32.53 -12.02
C LEU C 63 8.53 -33.52 -11.26
N HIS C 64 8.77 -34.81 -11.50
CA HIS C 64 8.03 -35.85 -10.80
C HIS C 64 8.36 -35.83 -9.31
N THR C 65 9.62 -35.55 -8.99
CA THR C 65 10.03 -35.44 -7.60
C THR C 65 9.29 -34.28 -6.93
N VAL C 66 9.19 -33.16 -7.63
CA VAL C 66 8.44 -32.01 -7.15
C VAL C 66 6.98 -32.40 -6.90
N LEU C 67 6.39 -33.11 -7.84
CA LEU C 67 5.00 -33.54 -7.69
C LEU C 67 4.81 -34.48 -6.49
N LYS C 68 5.77 -35.35 -6.26
CA LYS C 68 5.71 -36.27 -5.12
C LYS C 68 5.81 -35.52 -3.81
N VAL C 69 6.73 -34.55 -3.74
CA VAL C 69 6.90 -33.77 -2.52
C VAL C 69 5.65 -32.94 -2.23
N PHE C 70 5.12 -32.29 -3.28
CA PHE C 70 3.88 -31.53 -3.16
C PHE C 70 2.74 -32.42 -2.69
N HIS C 71 2.71 -33.64 -3.22
CA HIS C 71 1.73 -34.64 -2.84
C HIS C 71 1.83 -34.96 -1.35
N SER C 72 3.06 -35.14 -0.88
CA SER C 72 3.33 -35.41 0.52
C SER C 72 2.91 -34.25 1.43
N LEU C 73 3.15 -33.03 0.97
CA LEU C 73 2.85 -31.83 1.77
C LEU C 73 1.35 -31.58 1.90
N THR C 74 0.57 -32.09 0.95
CA THR C 74 -0.87 -31.84 0.93
C THR C 74 -1.69 -33.06 1.38
N THR C 75 -0.99 -34.06 1.93
CA THR C 75 -1.65 -35.22 2.52
C THR C 75 -2.46 -34.77 3.73
N PRO C 76 -3.68 -35.32 3.92
CA PRO C 76 -4.33 -36.39 3.16
C PRO C 76 -5.33 -35.94 2.09
N HIS C 77 -5.31 -34.66 1.73
CA HIS C 77 -6.31 -34.15 0.79
C HIS C 77 -5.75 -33.96 -0.62
N SER C 78 -4.84 -34.83 -1.03
CA SER C 78 -4.29 -34.75 -2.38
C SER C 78 -4.32 -36.09 -3.10
N VAL C 79 -4.26 -36.02 -4.43
CA VAL C 79 -4.31 -37.20 -5.27
C VAL C 79 -3.23 -37.10 -6.34
N LEU C 80 -2.33 -38.09 -6.40
CA LEU C 80 -1.28 -38.08 -7.41
C LEU C 80 -1.65 -39.06 -8.52
N PHE C 81 -1.99 -38.50 -9.67
CA PHE C 81 -2.46 -39.26 -10.81
C PHE C 81 -1.48 -39.39 -11.97
N HIS C 82 -1.08 -40.62 -12.27
CA HIS C 82 -0.23 -40.86 -13.44
C HIS C 82 -1.15 -41.14 -14.62
N LYS C 83 -1.40 -40.14 -15.46
CA LYS C 83 -2.27 -40.33 -16.62
C LYS C 83 -1.55 -41.10 -17.72
N LYS C 84 -2.28 -41.99 -18.38
CA LYS C 84 -1.73 -42.73 -19.50
C LYS C 84 -2.18 -42.19 -20.87
N ASN C 85 -3.45 -42.45 -21.18
CA ASN C 85 -4.00 -42.29 -22.52
C ASN C 85 -4.43 -40.89 -22.97
N GLU C 86 -3.94 -39.83 -22.32
CA GLU C 86 -4.28 -38.49 -22.77
C GLU C 86 -3.10 -37.55 -22.98
N ASN C 87 -3.39 -36.42 -23.62
CA ASN C 87 -2.45 -35.32 -23.81
C ASN C 87 -3.15 -34.04 -23.41
N ILE C 88 -2.69 -33.43 -22.33
CA ILE C 88 -3.31 -32.24 -21.77
C ILE C 88 -2.54 -30.96 -22.11
N HIS C 89 -3.24 -30.01 -22.72
CA HIS C 89 -2.66 -28.72 -23.06
C HIS C 89 -3.61 -27.62 -22.59
N PRO C 90 -3.46 -27.23 -21.31
CA PRO C 90 -4.37 -26.34 -20.56
C PRO C 90 -4.68 -25.02 -21.27
N PHE C 91 -3.69 -24.43 -21.93
CA PHE C 91 -3.89 -23.13 -22.57
C PHE C 91 -4.51 -23.26 -23.95
N GLU C 92 -4.67 -24.50 -24.42
CA GLU C 92 -5.46 -24.78 -25.61
C GLU C 92 -6.88 -25.16 -25.20
N SER C 93 -6.98 -25.92 -24.11
CA SER C 93 -8.26 -26.35 -23.57
C SER C 93 -8.09 -26.88 -22.15
N THR C 94 -8.93 -26.40 -21.23
CA THR C 94 -8.90 -26.84 -19.85
C THR C 94 -9.93 -27.94 -19.57
N GLU C 95 -10.52 -28.47 -20.64
CA GLU C 95 -11.64 -29.41 -20.51
C GLU C 95 -11.26 -30.72 -19.83
N SER C 96 -10.23 -31.39 -20.31
CA SER C 96 -9.79 -32.66 -19.72
C SER C 96 -9.29 -32.44 -18.30
N LEU C 97 -8.59 -31.32 -18.11
CA LEU C 97 -8.16 -30.85 -16.80
C LEU C 97 -9.34 -30.80 -15.83
N GLU C 98 -10.37 -30.07 -16.23
CA GLU C 98 -11.59 -29.93 -15.44
C GLU C 98 -12.24 -31.29 -15.19
N PHE C 99 -12.20 -32.17 -16.19
CA PHE C 99 -12.79 -33.49 -16.04
C PHE C 99 -12.12 -34.29 -14.94
N LEU C 100 -10.79 -34.38 -14.99
CA LEU C 100 -10.05 -35.14 -13.98
C LEU C 100 -10.19 -34.52 -12.60
N ALA C 101 -10.13 -33.18 -12.55
CA ALA C 101 -10.24 -32.46 -11.29
C ALA C 101 -11.59 -32.72 -10.63
N ASN C 102 -12.66 -32.59 -11.42
CA ASN C 102 -14.01 -32.83 -10.93
C ASN C 102 -14.21 -34.29 -10.54
N LYS C 103 -13.56 -35.17 -11.29
CA LYS C 103 -13.68 -36.61 -11.03
C LYS C 103 -12.99 -36.98 -9.72
N ASN C 104 -12.02 -36.18 -9.31
CA ASN C 104 -11.37 -36.42 -8.03
C ASN C 104 -11.76 -35.39 -6.95
N ASP C 105 -12.77 -34.58 -7.25
CA ASP C 105 -13.27 -33.57 -6.33
C ASP C 105 -12.15 -32.67 -5.82
N CYS C 106 -11.31 -32.19 -6.74
CA CYS C 106 -10.18 -31.34 -6.38
C CYS C 106 -10.39 -29.90 -6.85
N GLY C 107 -10.07 -28.95 -5.97
CA GLY C 107 -10.21 -27.54 -6.30
C GLY C 107 -8.93 -26.97 -6.87
N MET C 108 -7.87 -27.76 -6.87
CA MET C 108 -6.60 -27.35 -7.42
C MET C 108 -5.93 -28.47 -8.20
N VAL C 109 -5.28 -28.09 -9.30
CA VAL C 109 -4.56 -29.04 -10.13
C VAL C 109 -3.15 -28.55 -10.38
N ILE C 110 -2.19 -29.44 -10.17
CA ILE C 110 -0.80 -29.16 -10.47
C ILE C 110 -0.34 -30.11 -11.57
N PHE C 111 -0.12 -29.57 -12.76
CA PHE C 111 0.13 -30.38 -13.93
C PHE C 111 1.56 -30.21 -14.43
N GLY C 112 2.33 -31.27 -14.35
CA GLY C 112 3.70 -31.25 -14.84
C GLY C 112 3.76 -31.65 -16.31
N SER C 113 4.56 -30.92 -17.08
CA SER C 113 4.71 -31.21 -18.49
C SER C 113 6.04 -30.65 -18.97
N SER C 114 6.46 -31.01 -20.18
CA SER C 114 7.73 -30.52 -20.69
C SER C 114 7.84 -30.60 -22.20
N ASN C 115 8.26 -29.49 -22.81
CA ASN C 115 8.62 -29.44 -24.21
C ASN C 115 9.80 -28.50 -24.40
N LYS C 116 10.26 -28.33 -25.63
CA LYS C 116 11.44 -27.51 -25.87
C LYS C 116 11.22 -26.04 -25.55
N LYS C 117 10.03 -25.52 -25.82
CA LYS C 117 9.75 -24.12 -25.55
C LYS C 117 9.55 -23.86 -24.06
N ARG C 118 8.88 -24.79 -23.39
CA ARG C 118 8.64 -24.67 -21.96
C ARG C 118 8.94 -25.97 -21.23
N PRO C 119 10.22 -26.22 -20.94
CA PRO C 119 10.67 -27.43 -20.26
C PRO C 119 10.43 -27.38 -18.75
N ASN C 120 10.19 -28.54 -18.15
CA ASN C 120 9.97 -28.64 -16.70
C ASN C 120 8.94 -27.63 -16.21
N CYS C 121 7.78 -27.64 -16.86
CA CYS C 121 6.72 -26.70 -16.56
C CYS C 121 5.69 -27.28 -15.58
N LEU C 122 5.45 -26.51 -14.53
CA LEU C 122 4.45 -26.83 -13.53
C LEU C 122 3.29 -25.85 -13.67
N THR C 123 2.14 -26.34 -14.13
CA THR C 123 0.97 -25.50 -14.31
C THR C 123 0.00 -25.63 -13.13
N ILE C 124 -0.28 -24.52 -12.47
CA ILE C 124 -1.23 -24.48 -11.37
C ILE C 124 -2.56 -23.92 -11.84
N ALA C 125 -3.62 -24.68 -11.60
CA ALA C 125 -4.96 -24.26 -11.98
C ALA C 125 -5.93 -24.42 -10.82
N ARG C 126 -6.75 -23.42 -10.57
CA ARG C 126 -7.78 -23.56 -9.55
C ARG C 126 -9.14 -23.83 -10.18
N ILE C 127 -9.95 -24.65 -9.52
CA ILE C 127 -11.28 -24.96 -10.00
C ILE C 127 -12.34 -24.30 -9.12
N PHE C 128 -13.24 -23.55 -9.75
CA PHE C 128 -14.41 -23.04 -9.06
C PHE C 128 -15.68 -23.40 -9.82
N ASP C 129 -16.62 -24.00 -9.11
CA ASP C 129 -17.91 -24.38 -9.68
C ASP C 129 -17.71 -25.27 -10.91
N SER C 130 -16.87 -26.30 -10.74
CA SER C 130 -16.62 -27.33 -11.75
C SER C 130 -15.85 -26.85 -12.99
N LYS C 131 -15.44 -25.59 -12.99
CA LYS C 131 -14.65 -25.06 -14.12
C LYS C 131 -13.37 -24.39 -13.64
N VAL C 132 -12.43 -24.20 -14.57
CA VAL C 132 -11.16 -23.55 -14.24
C VAL C 132 -11.38 -22.07 -13.92
N LEU C 133 -10.81 -21.64 -12.80
CA LEU C 133 -10.90 -20.25 -12.38
C LEU C 133 -9.74 -19.45 -12.94
N ASP C 134 -8.55 -19.66 -12.40
CA ASP C 134 -7.34 -19.01 -12.90
C ASP C 134 -6.20 -20.03 -13.05
N MET C 135 -5.18 -19.64 -13.82
CA MET C 135 -4.09 -20.54 -14.17
C MET C 135 -2.76 -19.80 -14.23
N ALA C 136 -1.68 -20.48 -13.84
CA ALA C 136 -0.36 -19.89 -13.87
C ALA C 136 0.69 -20.95 -14.18
N GLU C 137 1.68 -20.60 -15.01
CA GLU C 137 2.78 -21.50 -15.29
C GLU C 137 4.03 -21.12 -14.51
N LEU C 138 4.70 -22.12 -13.96
CA LEU C 138 5.98 -21.94 -13.30
C LEU C 138 7.01 -22.90 -13.89
N LEU C 139 8.09 -22.37 -14.44
CA LEU C 139 9.09 -23.17 -15.11
C LEU C 139 10.27 -23.39 -14.17
N LEU C 140 10.50 -24.65 -13.83
CA LEU C 140 11.59 -25.02 -12.92
C LEU C 140 12.93 -24.66 -13.56
N LEU C 141 13.71 -23.84 -12.87
CA LEU C 141 15.01 -23.45 -13.41
C LEU C 141 16.07 -24.45 -12.99
N PRO C 142 17.08 -24.67 -13.85
CA PRO C 142 18.16 -25.59 -13.51
C PRO C 142 18.98 -25.07 -12.34
N ASP C 143 19.63 -25.96 -11.60
CA ASP C 143 20.37 -25.52 -10.43
C ASP C 143 21.66 -24.78 -10.86
N ALA C 144 22.23 -24.02 -9.94
CA ALA C 144 23.50 -23.34 -10.16
C ALA C 144 24.64 -24.29 -10.50
N ASN C 145 24.77 -25.37 -9.73
CA ASN C 145 25.86 -26.31 -9.93
C ASN C 145 25.57 -27.56 -10.74
N GLY C 146 24.33 -27.74 -11.18
CA GLY C 146 24.07 -28.83 -12.11
C GLY C 146 23.89 -30.12 -11.34
N GLU C 147 23.68 -30.00 -10.03
CA GLU C 147 23.49 -31.16 -9.18
C GLU C 147 22.06 -31.63 -9.31
N GLY C 148 21.15 -30.68 -9.48
CA GLY C 148 19.76 -31.02 -9.69
C GLY C 148 18.96 -31.14 -8.41
N ILE C 149 17.84 -31.85 -8.50
CA ILE C 149 17.01 -32.10 -7.35
C ILE C 149 17.07 -33.57 -6.96
N PRO C 150 17.63 -33.86 -5.77
CA PRO C 150 17.71 -35.24 -5.29
C PRO C 150 16.32 -35.86 -5.23
N GLU C 151 16.21 -37.17 -5.45
CA GLU C 151 14.92 -37.82 -5.41
C GLU C 151 14.45 -38.06 -3.97
N MET C 152 13.23 -37.63 -3.70
CA MET C 152 12.62 -37.79 -2.38
C MET C 152 11.13 -38.07 -2.55
N ASN C 153 10.50 -38.61 -1.51
CA ASN C 153 9.07 -38.90 -1.54
C ASN C 153 8.31 -38.05 -0.55
N ARG C 154 9.06 -37.31 0.26
CA ARG C 154 8.48 -36.43 1.27
C ARG C 154 9.42 -35.26 1.51
N LEU C 155 8.99 -34.31 2.34
CA LEU C 155 9.77 -33.12 2.59
C LEU C 155 11.03 -33.46 3.38
N SER C 156 10.85 -34.24 4.44
CA SER C 156 11.93 -34.60 5.35
C SER C 156 11.43 -35.58 6.39
N MET C 157 12.33 -36.44 6.87
CA MET C 157 12.00 -37.39 7.93
C MET C 157 11.81 -36.65 9.25
N HIS C 158 12.28 -35.41 9.29
CA HIS C 158 12.21 -34.57 10.48
C HIS C 158 10.92 -33.78 10.55
N VAL C 159 10.04 -33.98 9.58
CA VAL C 159 8.76 -33.28 9.53
C VAL C 159 7.62 -34.25 9.29
N ALA C 160 6.65 -34.26 10.19
CA ALA C 160 5.49 -35.13 10.06
C ALA C 160 4.70 -34.81 8.78
N ILE C 161 4.20 -35.87 8.14
CA ILE C 161 3.40 -35.70 6.93
C ILE C 161 2.06 -35.05 7.24
N GLY C 162 1.74 -33.97 6.54
CA GLY C 162 0.47 -33.30 6.70
C GLY C 162 0.43 -32.19 7.73
N LEU C 163 1.58 -31.79 8.27
CA LEU C 163 1.64 -30.64 9.17
C LEU C 163 1.45 -29.34 8.42
N ARG C 164 0.72 -28.41 9.04
CA ARG C 164 0.60 -27.07 8.49
C ARG C 164 1.94 -26.36 8.56
N PRO C 165 2.35 -25.73 7.45
CA PRO C 165 3.59 -24.96 7.43
C PRO C 165 3.38 -23.54 7.95
N LEU C 166 4.43 -22.94 8.48
CA LEU C 166 4.47 -21.50 8.62
C LEU C 166 4.84 -20.95 7.25
N MET C 167 4.27 -19.81 6.88
CA MET C 167 4.49 -19.26 5.56
C MET C 167 5.08 -17.86 5.59
N LEU C 168 6.07 -17.63 4.73
CA LEU C 168 6.71 -16.34 4.62
C LEU C 168 6.82 -15.91 3.17
N PHE C 169 6.14 -14.83 2.82
CA PHE C 169 6.29 -14.25 1.49
C PHE C 169 7.19 -13.02 1.57
N SER C 170 8.41 -13.17 1.07
CA SER C 170 9.40 -12.10 1.14
C SER C 170 9.66 -11.50 -0.23
N GLY C 171 10.01 -10.22 -0.25
CA GLY C 171 10.20 -9.50 -1.49
C GLY C 171 9.12 -8.44 -1.67
N SER C 172 9.45 -7.39 -2.40
CA SER C 172 8.56 -6.25 -2.57
C SER C 172 7.43 -6.55 -3.55
N ALA C 173 7.65 -7.51 -4.44
CA ALA C 173 6.68 -7.86 -5.47
C ALA C 173 5.34 -8.30 -4.88
N TRP C 174 5.38 -8.99 -3.75
CA TRP C 174 4.16 -9.46 -3.10
C TRP C 174 3.34 -8.29 -2.55
N ASP C 175 3.98 -7.14 -2.40
CA ASP C 175 3.31 -5.96 -1.86
C ASP C 175 2.88 -5.01 -2.99
N ASP C 176 3.14 -5.43 -4.22
CA ASP C 176 2.75 -4.65 -5.39
C ASP C 176 1.36 -5.08 -5.85
N THR C 177 0.37 -4.25 -5.57
CA THR C 177 -1.02 -4.56 -5.86
C THR C 177 -1.36 -4.49 -7.36
N THR C 178 -0.41 -4.04 -8.16
CA THR C 178 -0.65 -3.90 -9.60
C THR C 178 -0.01 -5.03 -10.40
N SER C 179 0.80 -5.84 -9.73
CA SER C 179 1.34 -7.04 -10.35
C SER C 179 0.37 -8.20 -10.19
N THR C 180 -0.41 -8.46 -11.25
CA THR C 180 -1.43 -9.49 -11.21
C THR C 180 -0.82 -10.89 -11.08
N THR C 181 0.39 -11.04 -11.60
CA THR C 181 1.10 -12.30 -11.55
C THR C 181 1.41 -12.71 -10.11
N HIS C 182 2.00 -11.79 -9.35
CA HIS C 182 2.36 -12.10 -7.97
C HIS C 182 1.13 -12.21 -7.06
N THR C 183 0.09 -11.46 -7.36
CA THR C 183 -1.17 -11.56 -6.62
C THR C 183 -1.76 -12.95 -6.79
N MET C 184 -1.85 -13.38 -8.05
CA MET C 184 -2.38 -14.69 -8.36
C MET C 184 -1.52 -15.79 -7.74
N LEU C 185 -0.19 -15.68 -7.90
CA LEU C 185 0.71 -16.68 -7.36
C LEU C 185 0.62 -16.79 -5.85
N LYS C 186 0.56 -15.66 -5.15
CA LYS C 186 0.43 -15.69 -3.70
C LYS C 186 -0.87 -16.36 -3.27
N SER C 187 -1.97 -15.94 -3.91
CA SER C 187 -3.28 -16.53 -3.64
C SER C 187 -3.24 -18.06 -3.83
N MET C 188 -2.70 -18.49 -4.97
CA MET C 188 -2.59 -19.90 -5.30
C MET C 188 -1.72 -20.70 -4.33
N LEU C 189 -0.57 -20.15 -3.96
CA LEU C 189 0.36 -20.86 -3.10
C LEU C 189 -0.20 -21.01 -1.69
N VAL C 190 -0.78 -19.92 -1.17
CA VAL C 190 -1.43 -19.99 0.13
C VAL C 190 -2.57 -21.01 0.09
N ASP C 191 -3.36 -20.96 -0.99
CA ASP C 191 -4.48 -21.89 -1.16
C ASP C 191 -3.99 -23.33 -1.20
N LEU C 192 -2.82 -23.54 -1.77
CA LEU C 192 -2.24 -24.87 -1.94
C LEU C 192 -1.67 -25.44 -0.64
N PHE C 193 -1.02 -24.60 0.15
CA PHE C 193 -0.25 -25.12 1.28
C PHE C 193 -0.85 -24.84 2.66
N LYS C 194 -1.99 -24.15 2.72
CA LYS C 194 -2.62 -23.82 4.00
C LYS C 194 -3.18 -25.06 4.70
N GLY C 195 -3.29 -26.17 3.97
CA GLY C 195 -3.85 -27.39 4.51
C GLY C 195 -5.27 -27.19 5.04
N GLU C 196 -5.56 -27.79 6.19
CA GLU C 196 -6.84 -27.54 6.85
C GLU C 196 -6.67 -26.46 7.90
N THR C 197 -7.27 -25.29 7.65
CA THR C 197 -7.16 -24.17 8.57
C THR C 197 -7.99 -24.41 9.82
N SER C 198 -7.52 -23.87 10.94
CA SER C 198 -8.25 -23.96 12.19
C SER C 198 -7.90 -22.80 13.11
N ASP C 199 -8.72 -22.58 14.13
CA ASP C 199 -8.52 -21.48 15.05
C ASP C 199 -7.56 -21.86 16.17
N LYS C 200 -7.06 -23.09 16.11
CA LYS C 200 -6.15 -23.60 17.12
C LYS C 200 -4.91 -24.25 16.51
N ILE C 201 -3.78 -24.13 17.20
CA ILE C 201 -2.59 -24.90 16.83
C ILE C 201 -1.69 -25.14 18.05
N ASP C 202 -1.23 -26.37 18.18
CA ASP C 202 -0.28 -26.72 19.24
C ASP C 202 1.05 -26.02 18.99
N VAL C 203 1.64 -25.47 20.04
CA VAL C 203 2.92 -24.78 19.93
C VAL C 203 4.01 -25.74 19.43
N GLU C 204 3.83 -27.02 19.69
CA GLU C 204 4.77 -28.04 19.22
C GLU C 204 4.56 -28.34 17.74
N GLY C 205 3.45 -27.86 17.18
CA GLY C 205 3.15 -28.05 15.78
C GLY C 205 3.88 -27.06 14.90
N LEU C 206 4.52 -26.08 15.53
CA LEU C 206 5.28 -25.06 14.81
C LEU C 206 6.68 -25.58 14.49
N GLN C 207 6.77 -26.52 13.55
CA GLN C 207 8.02 -27.24 13.33
C GLN C 207 8.77 -26.82 12.05
N TYR C 208 8.04 -26.37 11.04
CA TYR C 208 8.71 -26.00 9.79
C TYR C 208 8.05 -24.82 9.07
N ALA C 209 8.82 -24.19 8.18
CA ALA C 209 8.36 -23.01 7.48
C ALA C 209 8.65 -23.09 5.97
N LEU C 210 7.75 -22.49 5.19
CA LEU C 210 7.97 -22.32 3.77
C LEU C 210 8.19 -20.84 3.44
N MET C 211 9.30 -20.53 2.78
CA MET C 211 9.47 -19.19 2.24
C MET C 211 9.32 -19.18 0.72
N VAL C 212 8.52 -18.24 0.24
CA VAL C 212 8.39 -17.95 -1.17
C VAL C 212 8.92 -16.55 -1.44
N GLY C 213 10.16 -16.45 -1.91
CA GLY C 213 10.78 -15.17 -2.16
C GLY C 213 10.67 -14.73 -3.60
N ALA C 214 10.14 -13.52 -3.80
CA ALA C 214 10.07 -12.95 -5.14
C ALA C 214 11.28 -12.08 -5.41
N GLU C 215 12.07 -12.47 -6.41
CA GLU C 215 13.21 -11.66 -6.84
C GLU C 215 12.74 -10.29 -7.31
N GLU C 216 13.54 -9.26 -7.04
CA GLU C 216 13.25 -7.92 -7.51
C GLU C 216 13.15 -7.96 -9.03
N PRO C 217 12.04 -7.41 -9.56
CA PRO C 217 11.52 -7.63 -10.91
C PRO C 217 12.20 -6.90 -12.07
N THR C 218 11.87 -7.39 -13.26
CA THR C 218 12.28 -6.86 -14.58
C THR C 218 13.76 -6.53 -14.73
N ALA C 219 14.61 -7.51 -14.43
CA ALA C 219 16.05 -7.39 -14.72
C ALA C 219 16.39 -7.32 -16.24
N GLY C 220 15.79 -8.15 -17.11
CA GLY C 220 14.76 -9.15 -16.78
C GLY C 220 14.53 -10.17 -17.87
N LEU C 221 13.26 -10.40 -18.22
CA LEU C 221 12.13 -9.62 -17.72
C LEU C 221 11.12 -10.49 -16.98
N ALA C 222 11.13 -11.79 -17.25
CA ALA C 222 10.25 -12.69 -16.54
C ALA C 222 10.60 -12.81 -15.05
N PRO C 223 9.60 -12.66 -14.18
CA PRO C 223 9.75 -12.75 -12.72
C PRO C 223 10.25 -14.12 -12.26
N ILE C 224 11.12 -14.12 -11.26
CA ILE C 224 11.63 -15.36 -10.69
C ILE C 224 11.17 -15.49 -9.23
N ILE C 225 10.75 -16.69 -8.84
CA ILE C 225 10.39 -16.92 -7.44
C ILE C 225 11.14 -18.13 -6.89
N HIS C 226 11.42 -18.09 -5.59
CA HIS C 226 12.15 -19.17 -4.93
C HIS C 226 11.33 -19.78 -3.82
N LEU C 227 11.21 -21.10 -3.84
CA LEU C 227 10.58 -21.84 -2.76
C LEU C 227 11.64 -22.58 -1.97
N ARG C 228 11.63 -22.34 -0.66
CA ARG C 228 12.56 -22.99 0.25
C ARG C 228 11.85 -23.46 1.51
N TRP C 229 12.17 -24.65 1.99
CA TRP C 229 11.62 -25.14 3.25
C TRP C 229 12.68 -25.22 4.34
N TYR C 230 12.26 -24.96 5.57
CA TYR C 230 13.17 -24.95 6.70
C TYR C 230 12.58 -25.62 7.93
N LYS C 231 13.38 -26.47 8.57
CA LYS C 231 13.06 -26.97 9.90
C LYS C 231 13.35 -25.84 10.89
N ILE C 232 12.40 -25.60 11.78
CA ILE C 232 12.53 -24.53 12.77
C ILE C 232 13.22 -25.02 14.04
N VAL C 233 14.28 -24.33 14.43
CA VAL C 233 15.00 -24.64 15.66
C VAL C 233 14.96 -23.46 16.61
N THR C 234 14.46 -23.68 17.82
CA THR C 234 14.36 -22.61 18.80
C THR C 234 15.42 -22.76 19.89
N LYS C 235 16.23 -21.72 20.07
CA LYS C 235 17.24 -21.69 21.12
C LYS C 235 16.93 -20.62 22.15
N ARG C 236 17.45 -20.79 23.36
CA ARG C 236 17.26 -19.79 24.39
C ARG C 236 18.04 -18.51 24.08
N SER C 237 17.41 -17.37 24.34
CA SER C 237 17.99 -16.08 23.98
C SER C 237 18.15 -15.18 25.20
N GLY C 238 17.68 -15.65 26.34
CA GLY C 238 17.69 -14.86 27.56
C GLY C 238 16.35 -14.19 27.76
N HIS C 239 15.79 -13.67 26.68
CA HIS C 239 14.45 -13.09 26.71
C HIS C 239 13.43 -14.22 26.78
N LYS C 240 12.16 -13.87 26.98
CA LYS C 240 11.12 -14.89 27.08
C LYS C 240 10.71 -15.40 25.70
N LEU C 241 11.04 -14.64 24.66
CA LEU C 241 10.81 -15.09 23.29
C LEU C 241 12.07 -15.79 22.79
N PRO C 242 11.90 -17.02 22.26
CA PRO C 242 13.03 -17.82 21.77
C PRO C 242 13.68 -17.25 20.51
N ARG C 243 14.97 -17.55 20.35
CA ARG C 243 15.70 -17.23 19.13
C ARG C 243 15.45 -18.30 18.08
N VAL C 244 15.21 -17.86 16.84
CA VAL C 244 14.95 -18.79 15.75
C VAL C 244 16.17 -19.01 14.87
N GLU C 245 16.48 -20.27 14.61
CA GLU C 245 17.46 -20.64 13.60
C GLU C 245 16.80 -21.64 12.67
N LEU C 246 17.26 -21.72 11.43
CA LEU C 246 16.61 -22.59 10.45
C LEU C 246 17.57 -23.64 9.91
N GLU C 247 17.04 -24.82 9.60
CA GLU C 247 17.81 -25.84 8.89
C GLU C 247 17.16 -26.13 7.55
N GLU C 248 17.92 -25.98 6.47
CA GLU C 248 17.38 -26.21 5.13
C GLU C 248 16.87 -27.64 4.94
N ILE C 249 15.65 -27.78 4.45
CA ILE C 249 15.09 -29.11 4.18
C ILE C 249 14.32 -29.15 2.86
N GLY C 250 14.12 -30.36 2.36
CA GLY C 250 13.36 -30.57 1.14
C GLY C 250 14.04 -30.05 -0.11
N PRO C 251 13.32 -30.07 -1.23
CA PRO C 251 13.89 -29.59 -2.50
C PRO C 251 14.00 -28.07 -2.52
N LYS C 252 15.00 -27.56 -3.22
CA LYS C 252 15.20 -26.12 -3.33
C LYS C 252 14.74 -25.66 -4.69
N LEU C 253 13.57 -25.03 -4.75
CA LEU C 253 12.93 -24.81 -6.04
C LEU C 253 13.07 -23.38 -6.54
N ASP C 254 13.54 -23.23 -7.78
CA ASP C 254 13.60 -21.92 -8.41
C ASP C 254 12.74 -21.91 -9.67
N PHE C 255 11.85 -20.92 -9.76
CA PHE C 255 10.91 -20.86 -10.87
C PHE C 255 10.97 -19.55 -11.65
N LYS C 256 10.74 -19.68 -12.95
CA LYS C 256 10.50 -18.54 -13.82
C LYS C 256 9.03 -18.54 -14.20
N VAL C 257 8.34 -17.41 -14.03
CA VAL C 257 6.91 -17.39 -14.31
C VAL C 257 6.63 -17.40 -15.81
N GLY C 258 5.71 -18.27 -16.23
CA GLY C 258 5.35 -18.37 -17.63
C GLY C 258 4.04 -17.69 -17.94
N ARG C 259 3.16 -18.36 -18.68
CA ARG C 259 1.89 -17.77 -19.08
C ARG C 259 0.91 -17.66 -17.92
N ILE C 260 0.03 -16.67 -18.02
CA ILE C 260 -1.02 -16.44 -17.04
C ILE C 260 -2.38 -16.46 -17.72
N GLN C 261 -3.34 -17.16 -17.10
CA GLN C 261 -4.72 -17.05 -17.53
C GLN C 261 -5.57 -16.55 -16.37
N GLU C 262 -5.97 -15.28 -16.45
CA GLU C 262 -6.74 -14.67 -15.38
C GLU C 262 -8.17 -15.17 -15.40
N ALA C 263 -8.87 -14.96 -14.29
CA ALA C 263 -10.29 -15.32 -14.21
C ALA C 263 -11.13 -14.15 -14.66
N PRO C 264 -12.28 -14.43 -15.31
CA PRO C 264 -13.24 -13.36 -15.58
C PRO C 264 -13.62 -12.68 -14.28
N ARG C 265 -13.68 -11.35 -14.28
CA ARG C 265 -13.85 -10.57 -13.06
C ARG C 265 -15.15 -10.92 -12.31
N ASP C 266 -16.18 -11.24 -13.08
CA ASP C 266 -17.45 -11.71 -12.54
C ASP C 266 -17.26 -13.01 -11.75
N VAL C 267 -16.69 -14.01 -12.42
CA VAL C 267 -16.52 -15.34 -11.83
C VAL C 267 -15.63 -15.27 -10.59
N MET C 268 -14.58 -14.46 -10.68
CA MET C 268 -13.69 -14.25 -9.55
C MET C 268 -14.42 -13.65 -8.36
N LYS C 269 -15.20 -12.60 -8.60
CA LYS C 269 -15.95 -11.98 -7.51
C LYS C 269 -16.98 -12.95 -6.93
N GLU C 270 -17.48 -13.86 -7.75
CA GLU C 270 -18.36 -14.92 -7.25
C GLU C 270 -17.64 -15.92 -6.36
N ALA C 271 -16.41 -16.25 -6.71
CA ALA C 271 -15.64 -17.23 -5.95
C ALA C 271 -15.18 -16.64 -4.62
N MET C 272 -15.06 -15.31 -4.59
CA MET C 272 -14.53 -14.62 -3.42
C MET C 272 -15.58 -14.35 -2.34
N LYS C 273 -16.85 -14.65 -2.61
CA LYS C 273 -17.90 -14.35 -1.63
C LYS C 273 -17.89 -15.33 -0.46
N GLN C 274 -17.73 -14.78 0.74
CA GLN C 274 -17.68 -15.59 1.95
C GLN C 274 -19.03 -15.57 2.64
N GLY C 275 -19.51 -16.74 3.07
CA GLY C 275 -20.78 -16.82 3.76
C GLY C 275 -20.68 -16.49 5.24
N LEU D 22 21.11 -13.54 22.37
CA LEU D 22 20.89 -13.47 20.93
C LEU D 22 19.61 -12.72 20.63
N PRO D 23 19.69 -11.67 19.78
CA PRO D 23 18.55 -10.79 19.53
C PRO D 23 17.41 -11.53 18.85
N ILE D 24 16.19 -11.33 19.34
CA ILE D 24 15.02 -12.01 18.79
C ILE D 24 14.09 -11.05 18.05
N THR D 25 14.57 -9.83 17.82
CA THR D 25 13.78 -8.86 17.06
C THR D 25 14.50 -8.52 15.76
N VAL D 26 13.73 -8.35 14.70
CA VAL D 26 14.27 -7.97 13.40
C VAL D 26 13.73 -6.61 12.97
N SER D 27 14.62 -5.75 12.47
CA SER D 27 14.19 -4.45 11.96
C SER D 27 14.63 -4.20 10.53
N LYS D 28 13.71 -3.66 9.74
CA LYS D 28 13.89 -3.36 8.32
C LYS D 28 13.11 -2.09 8.03
N PRO D 29 13.46 -1.35 6.96
CA PRO D 29 12.75 -0.12 6.60
C PRO D 29 11.22 -0.22 6.66
N THR D 30 10.67 -1.28 6.06
CA THR D 30 9.22 -1.49 6.06
C THR D 30 8.86 -2.64 7.00
N PRO D 31 7.84 -2.45 7.85
CA PRO D 31 7.47 -3.48 8.83
C PRO D 31 6.82 -4.71 8.21
N TYR D 32 6.97 -5.85 8.87
CA TYR D 32 6.31 -7.09 8.45
C TYR D 32 4.80 -6.96 8.61
N THR D 33 4.04 -7.65 7.77
CA THR D 33 2.60 -7.75 8.01
C THR D 33 2.25 -9.21 8.29
N PHE D 34 1.04 -9.46 8.77
CA PHE D 34 0.72 -10.81 9.24
C PHE D 34 -0.69 -11.29 8.90
N ASP D 35 -0.79 -12.60 8.69
CA ASP D 35 -2.06 -13.30 8.58
C ASP D 35 -1.93 -14.58 9.39
N LEU D 36 -2.07 -14.45 10.70
CA LEU D 36 -1.80 -15.55 11.63
C LEU D 36 -2.79 -16.70 11.48
N GLY D 37 -3.94 -16.43 10.89
CA GLY D 37 -4.92 -17.46 10.61
C GLY D 37 -4.41 -18.47 9.59
N HIS D 38 -3.49 -18.00 8.74
CA HIS D 38 -2.83 -18.87 7.77
C HIS D 38 -1.39 -19.15 8.18
N LEU D 39 -1.08 -18.83 9.44
CA LEU D 39 0.28 -18.94 9.96
C LEU D 39 1.26 -18.24 9.04
N LEU D 40 0.89 -17.03 8.61
CA LEU D 40 1.58 -16.39 7.50
C LEU D 40 2.16 -15.03 7.87
N ALA D 41 3.33 -14.73 7.31
CA ALA D 41 3.95 -13.42 7.47
C ALA D 41 4.38 -12.88 6.12
N ASN D 42 4.26 -11.57 5.94
CA ASN D 42 4.78 -10.91 4.74
C ASN D 42 5.96 -10.00 5.06
N ASP D 43 7.04 -10.22 4.34
CA ASP D 43 8.22 -9.36 4.37
C ASP D 43 8.27 -8.54 3.09
N PRO D 44 7.67 -7.33 3.12
CA PRO D 44 7.54 -6.51 1.92
C PRO D 44 8.85 -5.85 1.51
N ASN D 45 9.88 -5.95 2.35
CA ASN D 45 11.19 -5.40 2.02
C ASN D 45 11.82 -6.15 0.85
N PRO D 46 12.64 -5.43 0.05
CA PRO D 46 13.30 -6.03 -1.11
C PRO D 46 14.13 -7.25 -0.76
N LEU D 47 13.99 -8.31 -1.56
CA LEU D 47 14.72 -9.55 -1.33
C LEU D 47 16.21 -9.35 -1.60
N GLU D 48 17.01 -9.45 -0.54
CA GLU D 48 18.44 -9.19 -0.65
C GLU D 48 19.17 -10.41 -1.19
N LEU D 49 19.61 -10.32 -2.44
CA LEU D 49 20.34 -11.41 -3.08
C LEU D 49 21.65 -10.93 -3.69
N PRO D 50 22.66 -10.66 -2.86
CA PRO D 50 23.95 -10.17 -3.37
C PRO D 50 24.64 -11.20 -4.25
N LYS D 51 25.17 -10.77 -5.40
CA LYS D 51 25.79 -11.69 -6.35
C LYS D 51 27.04 -12.35 -5.77
N SER D 52 27.70 -11.66 -4.84
CA SER D 52 28.92 -12.17 -4.22
C SER D 52 28.64 -13.34 -3.29
N GLU D 53 27.38 -13.57 -2.97
CA GLU D 53 26.99 -14.58 -1.99
C GLU D 53 26.07 -15.64 -2.58
N PRO D 54 26.16 -16.88 -2.06
CA PRO D 54 25.31 -17.97 -2.54
C PRO D 54 23.83 -17.71 -2.30
N LEU D 55 23.00 -18.06 -3.28
CA LEU D 55 21.56 -17.85 -3.24
C LEU D 55 20.92 -18.39 -1.96
N ASN D 56 21.21 -19.64 -1.64
CA ASN D 56 20.57 -20.32 -0.52
C ASN D 56 20.91 -19.67 0.82
N ALA D 57 22.08 -19.06 0.92
CA ALA D 57 22.49 -18.42 2.18
C ALA D 57 21.70 -17.13 2.41
N SER D 58 21.55 -16.34 1.36
CA SER D 58 20.78 -15.10 1.42
C SER D 58 19.31 -15.41 1.71
N LEU D 59 18.76 -16.37 0.96
CA LEU D 59 17.39 -16.80 1.17
C LEU D 59 17.19 -17.28 2.61
N LYS D 60 18.15 -18.06 3.10
CA LYS D 60 18.07 -18.59 4.47
C LYS D 60 18.10 -17.47 5.51
N ALA D 61 18.90 -16.44 5.26
CA ALA D 61 18.97 -15.30 6.18
C ALA D 61 17.63 -14.56 6.23
N THR D 62 17.11 -14.21 5.06
CA THR D 62 15.82 -13.54 4.96
C THR D 62 14.74 -14.35 5.66
N ALA D 63 14.75 -15.66 5.39
CA ALA D 63 13.77 -16.58 5.97
C ALA D 63 13.88 -16.61 7.48
N ARG D 64 15.10 -16.59 8.00
CA ARG D 64 15.30 -16.62 9.45
C ARG D 64 14.72 -15.37 10.08
N ASP D 65 14.97 -14.22 9.46
CA ASP D 65 14.38 -12.97 9.95
C ASP D 65 12.85 -13.04 9.95
N GLY D 66 12.27 -13.49 8.84
CA GLY D 66 10.83 -13.55 8.71
C GLY D 66 10.14 -14.51 9.66
N VAL D 67 10.75 -15.67 9.87
CA VAL D 67 10.20 -16.68 10.77
C VAL D 67 10.36 -16.22 12.22
N GLN D 68 11.46 -15.52 12.50
CA GLN D 68 11.62 -14.88 13.80
C GLN D 68 10.45 -13.94 14.07
N SER D 69 10.17 -13.06 13.11
CA SER D 69 9.07 -12.11 13.24
C SER D 69 7.72 -12.82 13.44
N LEU D 70 7.45 -13.81 12.60
CA LEU D 70 6.21 -14.56 12.65
C LEU D 70 6.00 -15.27 13.99
N LEU D 71 7.05 -15.94 14.48
CA LEU D 71 6.96 -16.65 15.74
C LEU D 71 6.75 -15.69 16.90
N ASN D 72 7.51 -14.59 16.89
CA ASN D 72 7.30 -13.53 17.87
C ASN D 72 5.85 -13.09 17.90
N GLN D 73 5.28 -12.84 16.73
CA GLN D 73 3.90 -12.39 16.62
C GLN D 73 2.92 -13.43 17.15
N LEU D 74 3.14 -14.69 16.79
CA LEU D 74 2.27 -15.78 17.24
C LEU D 74 2.27 -15.95 18.75
N LEU D 75 3.46 -15.95 19.35
CA LEU D 75 3.56 -16.15 20.79
C LEU D 75 3.06 -14.94 21.57
N THR D 76 3.28 -13.75 21.02
CA THR D 76 2.93 -12.52 21.72
C THR D 76 1.45 -12.17 21.65
N THR D 77 0.85 -12.29 20.47
CA THR D 77 -0.49 -11.75 20.25
C THR D 77 -1.63 -12.77 20.32
N CYS D 78 -1.30 -14.05 20.34
CA CYS D 78 -2.35 -15.08 20.37
C CYS D 78 -2.65 -15.52 21.80
N PRO D 79 -3.93 -15.76 22.09
CA PRO D 79 -4.38 -16.32 23.37
C PRO D 79 -3.80 -17.71 23.61
N ILE D 80 -3.36 -17.98 24.84
CA ILE D 80 -2.74 -19.26 25.16
C ILE D 80 -3.67 -20.15 25.97
N THR D 81 -3.79 -21.39 25.53
CA THR D 81 -4.62 -22.38 26.23
C THR D 81 -3.78 -23.54 26.72
N SER D 82 -3.80 -23.77 28.03
CA SER D 82 -3.03 -24.86 28.61
C SER D 82 -3.95 -25.98 29.07
N SER D 83 -3.76 -27.17 28.50
CA SER D 83 -4.59 -28.31 28.86
C SER D 83 -3.86 -29.64 28.68
N GLN D 84 -4.63 -30.72 28.80
CA GLN D 84 -4.07 -32.06 28.63
C GLN D 84 -3.64 -32.29 27.18
N GLN D 85 -4.32 -31.62 26.26
CA GLN D 85 -3.96 -31.67 24.85
C GLN D 85 -2.69 -30.87 24.58
N GLY D 86 -2.20 -30.17 25.60
CA GLY D 86 -0.98 -29.42 25.46
C GLY D 86 -1.17 -27.91 25.53
N VAL D 87 -0.19 -27.19 25.01
CA VAL D 87 -0.23 -25.73 24.94
C VAL D 87 -0.63 -25.29 23.54
N LEU D 88 -1.79 -24.65 23.43
CA LEU D 88 -2.37 -24.33 22.14
C LEU D 88 -2.49 -22.81 21.95
N LEU D 89 -2.09 -22.33 20.78
CA LEU D 89 -2.33 -20.95 20.38
C LEU D 89 -3.72 -20.82 19.76
N THR D 90 -4.42 -19.75 20.08
CA THR D 90 -5.68 -19.44 19.41
C THR D 90 -5.42 -18.49 18.25
N LEU D 91 -5.79 -18.91 17.04
CA LEU D 91 -5.49 -18.14 15.85
C LEU D 91 -6.68 -17.27 15.43
N PRO D 92 -6.40 -16.03 15.04
CA PRO D 92 -7.44 -15.15 14.47
C PRO D 92 -7.92 -15.71 13.14
N ALA D 93 -9.13 -15.34 12.71
CA ALA D 93 -9.64 -15.77 11.42
C ALA D 93 -8.72 -15.31 10.30
N PRO D 94 -8.56 -16.14 9.26
CA PRO D 94 -7.72 -15.80 8.10
C PRO D 94 -8.11 -14.48 7.46
N SER D 95 -7.15 -13.59 7.25
CA SER D 95 -7.43 -12.27 6.69
C SER D 95 -7.28 -12.28 5.19
N THR D 96 -6.43 -13.16 4.67
CA THR D 96 -6.28 -13.31 3.23
C THR D 96 -7.46 -14.11 2.68
N ILE D 97 -8.31 -13.44 1.91
CA ILE D 97 -9.50 -14.08 1.36
C ILE D 97 -9.13 -14.89 0.12
N LEU D 98 -9.51 -16.16 0.11
CA LEU D 98 -9.20 -17.05 -0.99
C LEU D 98 -10.49 -17.54 -1.66
N PRO D 99 -10.43 -17.78 -2.98
CA PRO D 99 -11.61 -18.26 -3.71
C PRO D 99 -12.07 -19.63 -3.23
N ARG D 100 -13.37 -19.85 -3.26
CA ARG D 100 -13.93 -21.14 -2.87
C ARG D 100 -13.75 -22.17 -3.97
N HIS D 101 -13.98 -23.43 -3.63
CA HIS D 101 -13.98 -24.52 -4.59
C HIS D 101 -15.38 -24.65 -5.18
N LYS D 102 -16.37 -24.68 -4.29
CA LYS D 102 -17.77 -24.80 -4.68
C LYS D 102 -18.55 -23.56 -4.22
N PRO D 103 -19.61 -23.18 -4.97
CA PRO D 103 -20.41 -22.01 -4.63
C PRO D 103 -21.05 -22.13 -3.25
N LEU D 104 -21.32 -21.01 -2.59
CA LEU D 104 -21.93 -21.02 -1.26
C LEU D 104 -23.15 -21.93 -1.21
N PRO D 105 -23.18 -22.83 -0.21
CA PRO D 105 -24.08 -23.98 -0.03
C PRO D 105 -25.57 -23.65 0.01
N THR D 106 -26.37 -24.67 -0.27
CA THR D 106 -27.81 -24.71 -0.05
C THR D 106 -28.25 -24.05 1.25
N PRO D 107 -29.16 -23.07 1.17
CA PRO D 107 -29.77 -22.46 2.36
C PRO D 107 -30.94 -23.29 2.90
#